data_4DVT
#
_entry.id   4DVT
#
_cell.length_a   64.809
_cell.length_b   68.402
_cell.length_c   93.988
_cell.angle_alpha   90.00
_cell.angle_beta   91.94
_cell.angle_gamma   90.00
#
_symmetry.space_group_name_H-M   'P 1 21 1'
#
loop_
_entity.id
_entity.type
_entity.pdbx_description
1 polymer 'clade A/E 93TH057 HIV-1 gp120 core'
2 non-polymer 2-acetamido-2-deoxy-beta-D-glucopyranose
3 non-polymer "N-(4-chloro-3-fluorophenyl)-N'-[(1S)-1,2,3,4-tetrahydroisoquinolin-1-ylmethyl]ethanediamide"
4 non-polymer '4-(2-HYDROXYETHYL)-1-PIPERAZINE ETHANESULFONIC ACID'
5 water water
#
_entity_poly.entity_id   1
_entity_poly.type   'polypeptide(L)'
_entity_poly.pdbx_seq_one_letter_code
;VWKDADTTLFCASDAKAHETEVHNVWATHACVPTDPNPQEIHLENVTENFNMWKNNMVEQMQEDVISLWDQSLQPCVKLT
GGSVIKQACPKISFDPIPIHYCTPAGYVILKCNDKNFNGTGPCKNVSSVQCTHGIKPVVSTQLLLNGSLAEEEIIIRSEN
LTNNAKTIIVHLNKSVEINCTRPSNGGSGSGGDIRKAYCEINGTKWNKVLKQVTEKLKEHFNNKTIIFQPPSGGDLEITM
HSFNCRGEFFYCNTTQLFNNTCIGNETMKGCNGTITLPCKIKQIINMWQGTGQAMYAPPIDGKINCVSNITGILLTRDGG
ANNTSNETFRPGGGNIKDNWRSELYKYKVVQIE
;
_entity_poly.pdbx_strand_id   A,B
#
# COMPACT_ATOMS: atom_id res chain seq x y z
N VAL A 1 -20.23 25.29 -21.76
CA VAL A 1 -18.78 25.21 -21.73
C VAL A 1 -18.21 25.94 -20.52
N TRP A 2 -17.06 25.48 -20.04
CA TRP A 2 -16.43 26.07 -18.86
C TRP A 2 -14.93 25.81 -18.81
N LYS A 3 -14.25 26.53 -17.93
CA LYS A 3 -12.81 26.36 -17.74
C LYS A 3 -12.44 26.49 -16.27
N ASP A 4 -11.41 25.77 -15.86
CA ASP A 4 -10.89 25.87 -14.50
C ASP A 4 -10.53 27.32 -14.21
N ALA A 5 -11.07 27.87 -13.12
CA ALA A 5 -10.83 29.26 -12.77
C ALA A 5 -10.88 29.49 -11.27
N ASP A 6 -10.24 30.56 -10.82
CA ASP A 6 -10.26 30.94 -9.43
C ASP A 6 -11.03 32.25 -9.24
N THR A 7 -11.94 32.26 -8.27
CA THR A 7 -12.71 33.46 -7.97
C THR A 7 -12.97 33.57 -6.47
N THR A 8 -13.24 34.79 -6.02
CA THR A 8 -13.53 35.03 -4.61
C THR A 8 -14.88 34.43 -4.23
N LEU A 9 -14.84 33.28 -3.56
CA LEU A 9 -16.04 32.59 -3.14
C LEU A 9 -16.71 33.30 -1.96
N PHE A 10 -17.95 32.91 -1.67
CA PHE A 10 -18.63 33.40 -0.48
C PHE A 10 -19.15 32.22 0.33
N CYS A 11 -19.46 32.46 1.60
CA CYS A 11 -19.87 31.37 2.50
C CYS A 11 -21.34 31.45 2.89
N ALA A 12 -21.87 30.32 3.35
CA ALA A 12 -23.25 30.23 3.82
C ALA A 12 -23.33 29.28 4.99
N SER A 13 -24.18 29.59 5.97
CA SER A 13 -24.31 28.76 7.15
C SER A 13 -25.69 28.86 7.79
N ASP A 14 -25.87 28.16 8.89
CA ASP A 14 -27.12 28.21 9.64
C ASP A 14 -26.89 28.84 11.01
N ALA A 15 -25.84 29.67 11.10
CA ALA A 15 -25.48 30.33 12.35
C ALA A 15 -26.67 31.08 12.96
N LYS A 16 -26.70 31.13 14.28
CA LYS A 16 -27.75 31.85 15.00
C LYS A 16 -27.27 33.24 15.39
N ALA A 17 -28.08 34.25 15.09
CA ALA A 17 -27.71 35.64 15.32
C ALA A 17 -27.73 36.01 16.81
N HIS A 18 -28.17 35.09 17.65
CA HIS A 18 -28.28 35.36 19.09
C HIS A 18 -27.29 34.53 19.90
N GLU A 19 -26.42 33.79 19.20
CA GLU A 19 -25.42 32.96 19.87
C GLU A 19 -24.13 33.74 20.12
N THR A 20 -23.58 33.57 21.32
CA THR A 20 -22.33 34.21 21.69
C THR A 20 -21.14 33.37 21.24
N GLU A 21 -21.42 32.20 20.70
CA GLU A 21 -20.39 31.30 20.20
C GLU A 21 -19.65 31.96 19.04
N VAL A 22 -18.32 31.98 19.10
CA VAL A 22 -17.50 32.71 18.15
C VAL A 22 -17.80 32.38 16.68
N HIS A 23 -17.94 31.09 16.37
CA HIS A 23 -18.22 30.67 15.01
C HIS A 23 -19.54 31.25 14.49
N ASN A 24 -20.59 31.14 15.30
CA ASN A 24 -21.89 31.71 14.94
C ASN A 24 -21.81 33.20 14.71
N VAL A 25 -21.19 33.91 15.65
CA VAL A 25 -21.04 35.37 15.54
C VAL A 25 -20.33 35.74 14.25
N TRP A 26 -19.28 34.98 13.91
CA TRP A 26 -18.50 35.25 12.71
C TRP A 26 -19.31 35.03 11.45
N ALA A 27 -19.91 33.85 11.33
CA ALA A 27 -20.71 33.49 10.16
C ALA A 27 -21.92 34.42 10.01
N THR A 28 -22.42 34.91 11.14
CA THR A 28 -23.56 35.82 11.14
C THR A 28 -23.21 37.14 10.46
N HIS A 29 -21.93 37.50 10.48
CA HIS A 29 -21.49 38.78 9.94
C HIS A 29 -20.69 38.61 8.65
N ALA A 30 -20.40 37.37 8.28
CA ALA A 30 -19.54 37.10 7.13
C ALA A 30 -20.18 36.15 6.12
N CYS A 31 -21.30 35.54 6.48
CA CYS A 31 -21.95 34.57 5.60
C CYS A 31 -23.42 34.90 5.38
N VAL A 32 -24.07 34.11 4.53
CA VAL A 32 -25.50 34.26 4.28
C VAL A 32 -26.22 32.96 4.59
N PRO A 33 -27.56 33.02 4.68
CA PRO A 33 -28.37 31.83 4.95
C PRO A 33 -28.13 30.74 3.91
N THR A 34 -28.25 29.48 4.33
CA THR A 34 -28.07 28.37 3.41
C THR A 34 -29.30 28.20 2.53
N ASP A 35 -29.14 27.48 1.42
CA ASP A 35 -30.24 27.21 0.52
C ASP A 35 -30.96 25.93 0.94
N PRO A 36 -32.22 26.08 1.39
CA PRO A 36 -33.02 24.96 1.91
C PRO A 36 -33.24 23.87 0.86
N ASN A 37 -33.42 24.28 -0.39
CA ASN A 37 -33.63 23.34 -1.48
C ASN A 37 -32.65 23.59 -2.63
N PRO A 38 -31.37 23.27 -2.41
CA PRO A 38 -30.29 23.51 -3.38
C PRO A 38 -30.43 22.68 -4.65
N GLN A 39 -29.74 23.10 -5.70
CA GLN A 39 -29.80 22.40 -6.97
C GLN A 39 -28.49 21.68 -7.26
N GLU A 40 -28.59 20.58 -8.02
CA GLU A 40 -27.40 19.82 -8.39
C GLU A 40 -27.60 19.12 -9.73
N ILE A 41 -26.81 19.51 -10.72
CA ILE A 41 -26.91 18.94 -12.06
C ILE A 41 -25.84 17.88 -12.28
N HIS A 42 -26.28 16.63 -12.43
CA HIS A 42 -25.36 15.54 -12.70
C HIS A 42 -24.98 15.49 -14.17
N LEU A 43 -23.69 15.69 -14.45
CA LEU A 43 -23.19 15.73 -15.81
C LEU A 43 -22.89 14.34 -16.34
N GLU A 44 -23.63 13.93 -17.37
CA GLU A 44 -23.44 12.61 -17.98
C GLU A 44 -22.37 12.65 -19.07
N ASN A 45 -21.59 11.57 -19.17
CA ASN A 45 -20.55 11.45 -20.18
C ASN A 45 -19.54 12.59 -20.10
N VAL A 46 -19.33 13.11 -18.90
CA VAL A 46 -18.38 14.19 -18.69
C VAL A 46 -17.19 13.72 -17.86
N THR A 47 -16.00 14.16 -18.24
CA THR A 47 -14.77 13.80 -17.53
C THR A 47 -13.97 15.03 -17.14
N GLU A 48 -13.85 15.27 -15.83
CA GLU A 48 -13.11 16.41 -15.32
C GLU A 48 -11.91 15.97 -14.49
N ASN A 49 -10.79 16.68 -14.64
CA ASN A 49 -9.60 16.40 -13.86
C ASN A 49 -9.55 17.27 -12.61
N PHE A 50 -9.31 16.63 -11.47
CA PHE A 50 -9.24 17.35 -10.19
C PHE A 50 -7.81 17.33 -9.64
N ASN A 51 -7.56 18.19 -8.65
CA ASN A 51 -6.27 18.24 -7.99
C ASN A 51 -6.37 18.90 -6.62
N MET A 52 -6.76 18.12 -5.62
CA MET A 52 -6.97 18.62 -4.27
C MET A 52 -5.74 19.35 -3.72
N TRP A 53 -4.56 18.94 -4.19
CA TRP A 53 -3.31 19.47 -3.65
C TRP A 53 -2.95 20.84 -4.20
N LYS A 54 -3.62 21.23 -5.28
CA LYS A 54 -3.46 22.57 -5.84
C LYS A 54 -4.82 23.18 -6.13
N ASN A 55 -5.56 23.47 -5.07
CA ASN A 55 -6.91 24.00 -5.19
C ASN A 55 -7.10 25.28 -4.38
N ASN A 56 -7.37 26.38 -5.07
CA ASN A 56 -7.50 27.69 -4.43
C ASN A 56 -8.60 27.73 -3.36
N MET A 57 -9.56 26.82 -3.48
CA MET A 57 -10.63 26.74 -2.50
C MET A 57 -10.06 26.55 -1.10
N VAL A 58 -8.99 25.76 -1.02
CA VAL A 58 -8.33 25.49 0.25
C VAL A 58 -7.74 26.77 0.85
N GLU A 59 -7.00 27.51 0.03
CA GLU A 59 -6.40 28.77 0.49
C GLU A 59 -7.45 29.74 1.03
N GLN A 60 -8.58 29.84 0.33
CA GLN A 60 -9.63 30.77 0.74
C GLN A 60 -10.23 30.41 2.09
N MET A 61 -10.58 29.14 2.27
CA MET A 61 -11.12 28.69 3.56
C MET A 61 -10.11 28.93 4.67
N GLN A 62 -8.85 28.67 4.38
CA GLN A 62 -7.76 28.92 5.32
C GLN A 62 -7.78 30.37 5.77
N GLU A 63 -8.00 31.27 4.82
CA GLU A 63 -8.06 32.70 5.11
C GLU A 63 -9.23 33.04 6.01
N ASP A 64 -10.37 32.40 5.76
CA ASP A 64 -11.56 32.60 6.60
C ASP A 64 -11.30 32.16 8.03
N VAL A 65 -10.87 30.91 8.19
CA VAL A 65 -10.60 30.35 9.50
C VAL A 65 -9.63 31.23 10.28
N ILE A 66 -8.57 31.69 9.61
CA ILE A 66 -7.60 32.58 10.23
C ILE A 66 -8.30 33.85 10.71
N SER A 67 -9.16 34.41 9.88
CA SER A 67 -9.90 35.62 10.23
C SER A 67 -10.79 35.37 11.44
N LEU A 68 -11.46 34.23 11.44
CA LEU A 68 -12.35 33.86 12.54
C LEU A 68 -11.59 33.80 13.87
N TRP A 69 -10.35 33.35 13.81
CA TRP A 69 -9.51 33.23 15.00
C TRP A 69 -8.89 34.57 15.40
N ASP A 70 -8.59 35.40 14.41
CA ASP A 70 -8.02 36.71 14.66
C ASP A 70 -9.02 37.64 15.32
N GLN A 71 -10.30 37.28 15.24
CA GLN A 71 -11.36 38.13 15.76
C GLN A 71 -11.93 37.62 17.08
N SER A 72 -12.02 36.31 17.22
CA SER A 72 -12.66 35.72 18.39
C SER A 72 -11.75 34.75 19.15
N LEU A 73 -10.44 34.90 18.97
CA LEU A 73 -9.48 34.02 19.65
C LEU A 73 -8.11 34.67 19.81
N GLN A 74 -8.09 35.87 20.38
CA GLN A 74 -6.84 36.56 20.65
C GLN A 74 -6.28 36.16 22.01
N PRO A 75 -5.01 35.75 22.04
CA PRO A 75 -4.32 35.33 23.26
C PRO A 75 -3.92 36.52 24.13
N CYS A 76 -3.48 36.25 25.36
CA CYS A 76 -3.03 37.29 26.26
C CYS A 76 -1.76 37.94 25.73
N VAL A 77 -0.81 37.10 25.33
CA VAL A 77 0.46 37.58 24.80
C VAL A 77 0.77 36.88 23.47
N LYS A 78 1.12 37.66 22.47
CA LYS A 78 1.45 37.11 21.15
C LYS A 78 2.90 37.41 20.77
N LEU A 79 3.63 36.36 20.42
CA LEU A 79 5.03 36.51 20.05
C LEU A 79 5.21 36.32 18.55
N THR A 80 5.53 37.40 17.85
CA THR A 80 5.70 37.36 16.40
C THR A 80 7.10 37.84 15.99
N GLY A 81 7.13 38.65 14.93
CA GLY A 81 8.39 39.16 14.41
C GLY A 81 9.19 39.94 15.42
N GLY A 82 9.58 39.29 16.51
CA GLY A 82 10.39 39.92 17.54
C GLY A 82 9.60 40.93 18.36
N SER A 83 8.32 41.07 18.06
CA SER A 83 7.46 41.99 18.78
C SER A 83 6.60 41.26 19.80
N VAL A 84 6.29 41.95 20.90
CA VAL A 84 5.46 41.37 21.95
C VAL A 84 4.13 42.12 22.05
N ILE A 85 3.06 41.46 21.64
CA ILE A 85 1.72 42.07 21.68
C ILE A 85 0.90 41.52 22.84
N LYS A 86 0.46 42.42 23.71
CA LYS A 86 -0.36 42.03 24.85
C LYS A 86 -1.76 42.62 24.75
N GLN A 87 -2.76 41.82 25.11
CA GLN A 87 -4.15 42.25 25.07
C GLN A 87 -5.06 41.34 25.88
N ALA A 88 -6.29 41.78 26.09
CA ALA A 88 -7.26 41.01 26.86
C ALA A 88 -7.46 39.62 26.27
N CYS A 89 -7.68 38.63 27.13
CA CYS A 89 -7.85 37.25 26.70
C CYS A 89 -8.97 36.58 27.48
N PRO A 90 -10.21 37.07 27.31
CA PRO A 90 -11.38 36.54 28.03
C PRO A 90 -11.81 35.18 27.49
N LYS A 91 -12.41 34.36 28.34
CA LYS A 91 -12.92 33.06 27.93
C LYS A 91 -14.14 33.23 27.04
N ILE A 92 -14.30 32.33 26.07
CA ILE A 92 -15.37 32.45 25.09
C ILE A 92 -16.13 31.14 24.92
N SER A 93 -17.22 31.19 24.17
CA SER A 93 -17.97 30.00 23.80
C SER A 93 -17.46 29.50 22.45
N PHE A 94 -16.98 28.26 22.42
CA PHE A 94 -16.32 27.74 21.24
C PHE A 94 -16.86 26.37 20.81
N ASP A 95 -17.36 26.30 19.59
CA ASP A 95 -17.85 25.05 19.02
C ASP A 95 -18.17 25.23 17.54
N PRO A 96 -17.24 24.80 16.67
CA PRO A 96 -17.32 25.01 15.22
C PRO A 96 -18.65 24.56 14.61
N ILE A 97 -19.11 25.31 13.61
CA ILE A 97 -20.32 24.97 12.88
C ILE A 97 -20.01 24.78 11.41
N PRO A 98 -20.89 24.05 10.69
CA PRO A 98 -20.70 23.78 9.27
C PRO A 98 -20.65 25.06 8.44
N ILE A 99 -19.69 25.15 7.53
CA ILE A 99 -19.55 26.32 6.67
C ILE A 99 -19.57 25.91 5.20
N HIS A 100 -20.56 26.40 4.46
CA HIS A 100 -20.67 26.10 3.04
C HIS A 100 -19.92 27.14 2.22
N TYR A 101 -19.17 26.67 1.22
CA TYR A 101 -18.46 27.57 0.32
C TYR A 101 -19.10 27.56 -1.07
N CYS A 102 -19.48 28.74 -1.54
CA CYS A 102 -20.26 28.86 -2.76
C CYS A 102 -19.57 29.72 -3.82
N THR A 103 -20.01 29.58 -5.06
CA THR A 103 -19.48 30.37 -6.16
C THR A 103 -20.50 31.39 -6.65
N PRO A 104 -20.02 32.58 -7.04
CA PRO A 104 -20.88 33.66 -7.53
C PRO A 104 -21.38 33.38 -8.94
N ALA A 105 -22.08 34.35 -9.52
CA ALA A 105 -22.61 34.21 -10.88
C ALA A 105 -21.48 34.06 -11.88
N GLY A 106 -21.71 33.26 -12.92
CA GLY A 106 -20.71 33.02 -13.94
C GLY A 106 -19.74 31.92 -13.54
N TYR A 107 -19.91 31.42 -12.32
CA TYR A 107 -19.07 30.34 -11.81
C TYR A 107 -19.91 29.26 -11.15
N VAL A 108 -19.39 28.03 -11.17
CA VAL A 108 -20.05 26.91 -10.50
C VAL A 108 -18.99 25.97 -9.91
N ILE A 109 -19.40 25.17 -8.94
CA ILE A 109 -18.50 24.23 -8.31
C ILE A 109 -18.73 22.82 -8.84
N LEU A 110 -17.72 22.25 -9.47
CA LEU A 110 -17.79 20.87 -9.95
C LEU A 110 -17.47 19.91 -8.81
N LYS A 111 -18.30 18.89 -8.65
CA LYS A 111 -18.16 17.95 -7.55
C LYS A 111 -17.93 16.53 -8.06
N CYS A 112 -16.81 15.93 -7.67
CA CYS A 112 -16.52 14.56 -8.05
C CYS A 112 -17.30 13.59 -7.19
N ASN A 113 -18.03 12.68 -7.83
CA ASN A 113 -18.86 11.72 -7.11
C ASN A 113 -18.37 10.28 -7.25
N ASP A 114 -17.15 10.11 -7.72
CA ASP A 114 -16.55 8.78 -7.83
C ASP A 114 -16.39 8.14 -6.46
N LYS A 115 -16.87 6.91 -6.33
CA LYS A 115 -16.88 6.21 -5.05
C LYS A 115 -15.55 6.26 -4.31
N ASN A 116 -14.46 5.91 -5.01
CA ASN A 116 -13.15 5.86 -4.39
C ASN A 116 -12.17 6.89 -4.93
N PHE A 117 -12.67 8.08 -5.24
CA PHE A 117 -11.83 9.17 -5.74
C PHE A 117 -10.75 9.52 -4.72
N ASN A 118 -9.52 9.63 -5.18
CA ASN A 118 -8.39 9.89 -4.30
C ASN A 118 -7.96 11.36 -4.25
N GLY A 119 -8.68 12.21 -4.98
CA GLY A 119 -8.43 13.63 -4.94
C GLY A 119 -7.66 14.17 -6.14
N THR A 120 -7.08 13.27 -6.92
CA THR A 120 -6.33 13.67 -8.10
C THR A 120 -6.69 12.82 -9.31
N GLY A 121 -6.61 13.42 -10.50
CA GLY A 121 -6.90 12.70 -11.72
C GLY A 121 -8.30 12.97 -12.24
N PRO A 122 -8.73 12.17 -13.23
CA PRO A 122 -10.05 12.32 -13.87
C PRO A 122 -11.17 11.77 -13.00
N CYS A 123 -12.35 12.36 -13.11
CA CYS A 123 -13.51 11.91 -12.36
C CYS A 123 -14.67 11.56 -13.31
N LYS A 124 -15.19 10.35 -13.17
CA LYS A 124 -16.27 9.87 -14.03
C LYS A 124 -17.60 10.53 -13.68
N ASN A 125 -18.00 10.41 -12.42
CA ASN A 125 -19.25 10.99 -11.95
C ASN A 125 -19.08 12.43 -11.48
N VAL A 126 -19.39 13.38 -12.35
CA VAL A 126 -19.24 14.79 -12.02
C VAL A 126 -20.59 15.52 -12.04
N SER A 127 -20.82 16.34 -11.02
CA SER A 127 -22.04 17.15 -10.95
C SER A 127 -21.68 18.61 -10.67
N SER A 128 -22.66 19.49 -10.85
CA SER A 128 -22.44 20.92 -10.61
C SER A 128 -23.32 21.42 -9.46
N VAL A 129 -22.71 22.18 -8.57
CA VAL A 129 -23.43 22.73 -7.42
C VAL A 129 -22.93 24.15 -7.12
N GLN A 130 -23.79 24.94 -6.49
CA GLN A 130 -23.43 26.31 -6.14
C GLN A 130 -22.57 26.36 -4.87
N CYS A 131 -22.84 25.44 -3.96
CA CYS A 131 -22.14 25.42 -2.68
C CYS A 131 -21.66 24.01 -2.32
N THR A 132 -20.60 23.95 -1.52
CA THR A 132 -20.11 22.68 -1.01
C THR A 132 -20.97 22.23 0.16
N HIS A 133 -20.65 21.09 0.75
CA HIS A 133 -21.35 20.62 1.93
C HIS A 133 -20.88 21.41 3.15
N GLY A 134 -21.67 21.37 4.21
CA GLY A 134 -21.29 22.06 5.44
C GLY A 134 -20.01 21.51 6.02
N ILE A 135 -19.00 22.36 6.13
CA ILE A 135 -17.69 21.95 6.62
C ILE A 135 -17.30 22.67 7.91
N LYS A 136 -16.97 21.89 8.94
CA LYS A 136 -16.54 22.46 10.22
C LYS A 136 -15.06 22.81 10.19
N PRO A 137 -14.73 24.05 10.52
CA PRO A 137 -13.33 24.51 10.58
C PRO A 137 -12.60 23.92 11.78
N VAL A 138 -12.60 22.59 11.88
CA VAL A 138 -11.96 21.91 12.99
C VAL A 138 -10.45 21.87 12.82
N VAL A 139 -9.75 22.56 13.72
CA VAL A 139 -8.29 22.60 13.70
C VAL A 139 -7.71 21.52 14.59
N SER A 140 -6.78 20.75 14.05
CA SER A 140 -6.17 19.66 14.81
C SER A 140 -4.97 19.06 14.08
N THR A 141 -4.26 18.17 14.76
CA THR A 141 -3.10 17.50 14.18
C THR A 141 -3.18 15.99 14.44
N GLN A 142 -2.50 15.22 13.59
CA GLN A 142 -2.49 13.77 13.72
C GLN A 142 -3.82 13.15 13.34
N LEU A 143 -4.88 13.56 14.03
CA LEU A 143 -6.20 12.99 13.81
C LEU A 143 -7.19 14.03 13.29
N LEU A 144 -7.91 13.67 12.23
CA LEU A 144 -8.98 14.52 11.70
C LEU A 144 -10.27 14.23 12.46
N LEU A 145 -10.92 15.28 12.95
CA LEU A 145 -12.09 15.11 13.80
C LEU A 145 -13.36 15.70 13.19
N ASN A 146 -14.49 15.07 13.49
CA ASN A 146 -15.80 15.56 13.06
C ASN A 146 -15.87 15.88 11.57
N GLY A 147 -15.08 15.18 10.78
CA GLY A 147 -15.09 15.37 9.34
C GLY A 147 -16.11 14.49 8.65
N SER A 148 -15.95 14.31 7.34
CA SER A 148 -16.84 13.44 6.57
C SER A 148 -16.18 12.10 6.32
N LEU A 149 -16.98 11.05 6.25
CA LEU A 149 -16.46 9.70 6.04
C LEU A 149 -16.50 9.31 4.56
N ALA A 150 -15.50 8.54 4.13
CA ALA A 150 -15.45 8.03 2.77
C ALA A 150 -16.66 7.14 2.51
N GLU A 151 -17.11 7.10 1.26
CA GLU A 151 -18.30 6.34 0.89
C GLU A 151 -18.09 4.84 1.00
N GLU A 152 -17.14 4.31 0.26
CA GLU A 152 -16.86 2.87 0.27
C GLU A 152 -15.64 2.52 1.10
N GLU A 153 -14.52 2.31 0.42
CA GLU A 153 -13.29 1.87 1.08
C GLU A 153 -12.49 3.04 1.65
N ILE A 154 -11.58 2.73 2.57
CA ILE A 154 -10.66 3.73 3.10
C ILE A 154 -9.81 4.26 1.96
N ILE A 155 -9.56 5.57 1.96
CA ILE A 155 -8.83 6.20 0.85
C ILE A 155 -7.53 6.84 1.32
N ILE A 156 -6.45 6.52 0.63
CA ILE A 156 -5.15 7.14 0.89
C ILE A 156 -4.92 8.30 -0.07
N ARG A 157 -4.63 9.47 0.48
CA ARG A 157 -4.43 10.66 -0.34
C ARG A 157 -3.03 11.23 -0.16
N SER A 158 -2.45 11.70 -1.26
CA SER A 158 -1.11 12.29 -1.23
C SER A 158 -0.73 12.87 -2.58
N GLU A 159 -0.14 14.06 -2.57
CA GLU A 159 0.31 14.70 -3.79
C GLU A 159 1.36 13.84 -4.48
N ASN A 160 2.02 12.99 -3.71
CA ASN A 160 3.07 12.12 -4.23
C ASN A 160 3.58 11.16 -3.16
N LEU A 161 2.98 9.97 -3.11
CA LEU A 161 3.37 8.95 -2.13
C LEU A 161 4.86 8.63 -2.20
N THR A 162 5.40 8.62 -3.42
CA THR A 162 6.82 8.32 -3.62
C THR A 162 7.70 9.30 -2.87
N ASN A 163 7.17 10.49 -2.60
CA ASN A 163 7.89 11.51 -1.84
C ASN A 163 7.47 11.49 -0.38
N ASN A 164 8.42 11.15 0.49
CA ASN A 164 8.15 11.04 1.92
C ASN A 164 7.91 12.39 2.59
N ALA A 165 8.33 13.46 1.93
CA ALA A 165 8.16 14.81 2.47
C ALA A 165 6.72 15.29 2.32
N LYS A 166 5.95 14.58 1.50
CA LYS A 166 4.56 14.94 1.28
C LYS A 166 3.63 14.26 2.28
N THR A 167 2.80 15.06 2.95
CA THR A 167 1.90 14.53 3.96
C THR A 167 0.91 13.54 3.36
N ILE A 168 0.50 12.57 4.17
CA ILE A 168 -0.50 11.59 3.73
C ILE A 168 -1.79 11.76 4.50
N ILE A 169 -2.91 11.72 3.78
CA ILE A 169 -4.22 11.85 4.40
C ILE A 169 -5.00 10.54 4.30
N VAL A 170 -5.23 9.90 5.45
CA VAL A 170 -6.02 8.68 5.49
C VAL A 170 -7.49 9.02 5.72
N HIS A 171 -8.33 8.68 4.75
CA HIS A 171 -9.75 8.97 4.84
C HIS A 171 -10.52 7.73 5.28
N LEU A 172 -10.95 7.71 6.53
CA LEU A 172 -11.65 6.56 7.10
C LEU A 172 -13.07 6.45 6.54
N ASN A 173 -13.58 5.22 6.50
CA ASN A 173 -14.95 4.97 6.04
C ASN A 173 -15.87 4.62 7.21
N LYS A 174 -15.31 4.60 8.41
CA LYS A 174 -16.09 4.34 9.61
C LYS A 174 -15.52 5.14 10.78
N SER A 175 -16.39 5.89 11.46
CA SER A 175 -15.96 6.77 12.54
C SER A 175 -15.53 5.99 13.78
N VAL A 176 -14.62 6.59 14.54
CA VAL A 176 -14.17 6.03 15.81
C VAL A 176 -14.16 7.13 16.87
N GLU A 177 -15.15 7.10 17.74
CA GLU A 177 -15.31 8.14 18.75
C GLU A 177 -14.10 8.24 19.68
N ILE A 178 -13.66 9.47 19.93
CA ILE A 178 -12.61 9.73 20.91
C ILE A 178 -13.15 10.61 22.02
N ASN A 179 -13.17 10.07 23.24
CA ASN A 179 -13.76 10.78 24.39
C ASN A 179 -12.72 11.53 25.20
N CYS A 180 -12.70 12.86 25.05
CA CYS A 180 -11.75 13.69 25.76
C CYS A 180 -12.43 14.54 26.83
N THR A 181 -11.92 14.46 28.06
CA THR A 181 -12.51 15.20 29.16
C THR A 181 -11.47 15.67 30.17
N ARG A 182 -11.70 16.86 30.72
CA ARG A 182 -10.88 17.38 31.81
C ARG A 182 -11.73 17.43 33.06
N PRO A 183 -11.52 16.47 33.97
CA PRO A 183 -12.35 16.30 35.17
C PRO A 183 -12.41 17.58 36.01
N SER A 184 -13.58 17.84 36.60
CA SER A 184 -13.78 19.01 37.44
C SER A 184 -12.87 18.99 38.66
N ASN A 185 -12.87 17.86 39.36
CA ASN A 185 -12.03 17.68 40.55
C ASN A 185 -11.39 16.31 40.60
N GLY A 192 -6.21 19.77 42.44
CA GLY A 192 -5.23 18.94 41.75
C GLY A 192 -4.57 19.67 40.60
N ASP A 193 -4.49 18.99 39.45
CA ASP A 193 -3.88 19.57 38.26
C ASP A 193 -4.96 19.96 37.26
N ILE A 194 -5.26 21.25 37.20
CA ILE A 194 -6.34 21.76 36.35
C ILE A 194 -6.03 21.59 34.86
N ARG A 195 -4.87 21.01 34.55
CA ARG A 195 -4.46 20.84 33.16
C ARG A 195 -4.38 19.38 32.75
N LYS A 196 -4.46 18.47 33.73
CA LYS A 196 -4.46 17.05 33.45
C LYS A 196 -5.77 16.65 32.79
N ALA A 197 -5.67 16.00 31.63
CA ALA A 197 -6.83 15.52 30.90
C ALA A 197 -6.55 14.18 30.26
N TYR A 198 -7.58 13.56 29.70
CA TYR A 198 -7.43 12.25 29.07
C TYR A 198 -8.46 12.01 27.98
N CYS A 199 -8.14 11.10 27.06
CA CYS A 199 -9.04 10.74 25.99
C CYS A 199 -9.27 9.23 25.97
N GLU A 200 -10.53 8.82 26.00
CA GLU A 200 -10.88 7.40 26.00
C GLU A 200 -11.28 6.95 24.59
N ILE A 201 -10.82 5.76 24.21
CA ILE A 201 -11.10 5.22 22.88
C ILE A 201 -11.31 3.72 22.93
N ASN A 202 -12.34 3.24 22.24
CA ASN A 202 -12.61 1.80 22.18
C ASN A 202 -11.53 1.08 21.40
N GLY A 203 -10.59 0.47 22.11
CA GLY A 203 -9.47 -0.22 21.49
C GLY A 203 -9.88 -1.19 20.39
N THR A 204 -10.94 -1.94 20.64
CA THR A 204 -11.43 -2.91 19.67
C THR A 204 -11.73 -2.24 18.33
N LYS A 205 -12.45 -1.12 18.38
CA LYS A 205 -12.81 -0.39 17.18
C LYS A 205 -11.58 0.21 16.51
N TRP A 206 -10.73 0.84 17.32
CA TRP A 206 -9.54 1.51 16.79
C TRP A 206 -8.58 0.55 16.10
N ASN A 207 -8.27 -0.56 16.77
CA ASN A 207 -7.37 -1.56 16.21
C ASN A 207 -7.92 -2.17 14.94
N LYS A 208 -9.23 -2.36 14.89
CA LYS A 208 -9.89 -2.90 13.71
C LYS A 208 -9.71 -1.94 12.53
N VAL A 209 -9.89 -0.65 12.80
CA VAL A 209 -9.76 0.37 11.77
C VAL A 209 -8.30 0.52 11.34
N LEU A 210 -7.40 0.58 12.32
CA LEU A 210 -5.98 0.74 12.04
C LEU A 210 -5.45 -0.42 11.21
N LYS A 211 -5.97 -1.62 11.49
CA LYS A 211 -5.61 -2.80 10.71
C LYS A 211 -6.03 -2.65 9.26
N GLN A 212 -7.25 -2.17 9.06
CA GLN A 212 -7.76 -1.94 7.71
C GLN A 212 -6.94 -0.88 6.98
N VAL A 213 -6.47 0.11 7.73
CA VAL A 213 -5.63 1.16 7.17
C VAL A 213 -4.32 0.58 6.66
N THR A 214 -3.70 -0.27 7.48
CA THR A 214 -2.46 -0.93 7.09
C THR A 214 -2.63 -1.72 5.80
N GLU A 215 -3.71 -2.48 5.72
CA GLU A 215 -4.00 -3.29 4.54
C GLU A 215 -4.09 -2.41 3.29
N LYS A 216 -4.81 -1.30 3.40
CA LYS A 216 -4.96 -0.38 2.27
C LYS A 216 -3.61 0.24 1.90
N LEU A 217 -2.80 0.52 2.91
CA LEU A 217 -1.46 1.06 2.67
C LEU A 217 -0.59 0.08 1.90
N LYS A 218 -0.77 -1.21 2.18
CA LYS A 218 -0.05 -2.25 1.45
C LYS A 218 -0.31 -2.15 -0.05
N GLU A 219 -1.54 -1.81 -0.41
CA GLU A 219 -1.93 -1.71 -1.80
C GLU A 219 -1.12 -0.65 -2.53
N HIS A 220 -0.78 0.41 -1.81
CA HIS A 220 -0.04 1.53 -2.40
C HIS A 220 1.47 1.38 -2.26
N PHE A 221 1.90 0.43 -1.45
CA PHE A 221 3.33 0.24 -1.22
C PHE A 221 3.82 -1.18 -1.50
N ASN A 222 3.20 -1.84 -2.47
CA ASN A 222 3.69 -3.11 -3.00
C ASN A 222 3.85 -4.22 -1.97
N ASN A 223 2.85 -4.14 -1.12
CA ASN A 223 2.72 -5.15 -0.07
C ASN A 223 3.87 -5.18 0.91
N LYS A 224 4.55 -4.20 1.01
CA LYS A 224 5.57 -3.96 2.02
C LYS A 224 4.96 -3.93 3.42
N THR A 225 5.73 -4.41 4.39
CA THR A 225 5.26 -4.47 5.78
C THR A 225 5.02 -3.08 6.35
N ILE A 226 3.81 -2.86 6.83
CA ILE A 226 3.42 -1.54 7.34
C ILE A 226 3.62 -1.44 8.84
N ILE A 227 4.42 -0.47 9.25
CA ILE A 227 4.73 -0.28 10.67
C ILE A 227 4.39 1.13 11.14
N PHE A 228 3.75 1.22 12.30
CA PHE A 228 3.44 2.51 12.90
C PHE A 228 4.40 2.84 14.03
N GLN A 229 4.75 4.12 14.15
CA GLN A 229 5.64 4.58 15.21
C GLN A 229 5.30 6.00 15.64
N PRO A 230 5.60 6.33 16.90
CA PRO A 230 5.37 7.68 17.42
C PRO A 230 6.35 8.67 16.80
N PRO A 231 5.92 9.92 16.61
CA PRO A 231 6.75 10.97 16.02
C PRO A 231 8.15 11.02 16.62
N SER A 232 9.15 11.23 15.78
CA SER A 232 10.54 11.27 16.23
C SER A 232 10.78 12.44 17.18
N GLY A 233 10.38 13.64 16.74
CA GLY A 233 10.55 14.84 17.55
C GLY A 233 9.90 16.04 16.92
N GLY A 234 10.23 17.23 17.43
CA GLY A 234 9.68 18.46 16.92
C GLY A 234 8.74 19.13 17.90
N ASP A 235 7.95 20.07 17.41
CA ASP A 235 6.99 20.80 18.25
C ASP A 235 5.93 19.85 18.81
N LEU A 236 5.46 20.17 20.01
CA LEU A 236 4.45 19.34 20.68
C LEU A 236 3.18 19.21 19.83
N GLU A 237 2.86 20.26 19.08
CA GLU A 237 1.69 20.25 18.22
C GLU A 237 1.77 19.12 17.20
N ILE A 238 2.98 18.67 16.91
CA ILE A 238 3.20 17.62 15.92
C ILE A 238 3.38 16.25 16.57
N THR A 239 4.20 16.21 17.61
CA THR A 239 4.47 14.95 18.31
C THR A 239 3.23 14.46 19.05
N MET A 240 2.30 15.36 19.32
CA MET A 240 1.08 15.00 20.03
C MET A 240 -0.16 15.43 19.23
N HIS A 241 -1.27 14.74 19.47
CA HIS A 241 -2.54 15.08 18.85
C HIS A 241 -3.10 16.35 19.48
N SER A 242 -2.84 17.49 18.84
CA SER A 242 -3.32 18.76 19.35
C SER A 242 -4.67 19.13 18.74
N PHE A 243 -5.56 19.64 19.58
CA PHE A 243 -6.89 20.04 19.13
C PHE A 243 -7.50 21.02 20.13
N ASN A 244 -8.56 21.70 19.73
CA ASN A 244 -9.22 22.66 20.60
C ASN A 244 -10.60 22.20 21.04
N CYS A 245 -10.78 22.10 22.36
CA CYS A 245 -12.05 21.66 22.93
C CYS A 245 -12.67 22.72 23.82
N ARG A 246 -13.76 23.32 23.35
CA ARG A 246 -14.46 24.35 24.10
C ARG A 246 -13.56 25.55 24.39
N GLY A 247 -12.71 25.90 23.43
CA GLY A 247 -11.82 27.03 23.57
C GLY A 247 -10.49 26.66 24.21
N GLU A 248 -10.43 25.47 24.80
CA GLU A 248 -9.21 25.01 25.46
C GLU A 248 -8.38 24.14 24.52
N PHE A 249 -7.07 24.40 24.49
CA PHE A 249 -6.17 23.62 23.64
C PHE A 249 -5.72 22.33 24.31
N PHE A 250 -5.99 21.21 23.66
CA PHE A 250 -5.65 19.89 24.19
C PHE A 250 -4.47 19.27 23.45
N TYR A 251 -3.50 18.76 24.23
CA TYR A 251 -2.37 18.04 23.68
C TYR A 251 -2.38 16.61 24.23
N CYS A 252 -2.61 15.64 23.36
CA CYS A 252 -2.76 14.25 23.78
C CYS A 252 -1.68 13.35 23.21
N ASN A 253 -1.09 12.52 24.07
CA ASN A 253 -0.09 11.54 23.65
C ASN A 253 -0.76 10.34 22.99
N THR A 254 -0.44 10.12 21.72
CA THR A 254 -1.09 9.06 20.94
C THR A 254 -0.19 7.85 20.75
N THR A 255 0.74 7.65 21.67
CA THR A 255 1.65 6.50 21.60
C THR A 255 0.88 5.18 21.61
N GLN A 256 -0.11 5.09 22.50
CA GLN A 256 -0.92 3.89 22.60
C GLN A 256 -1.72 3.64 21.33
N LEU A 257 -2.01 4.71 20.59
CA LEU A 257 -2.79 4.61 19.37
C LEU A 257 -1.97 4.08 18.20
N PHE A 258 -0.65 4.22 18.28
CA PHE A 258 0.21 3.83 17.16
C PHE A 258 1.33 2.87 17.55
N ASN A 259 0.93 1.71 18.07
CA ASN A 259 1.88 0.63 18.32
C ASN A 259 1.44 -0.66 17.61
N ASN A 260 2.39 -1.32 16.96
CA ASN A 260 2.08 -2.47 16.12
C ASN A 260 1.91 -3.78 16.90
N THR A 261 1.42 -3.66 18.14
CA THR A 261 1.21 -4.84 18.97
C THR A 261 -0.20 -5.40 18.79
N CYS A 262 -1.20 -4.55 19.01
CA CYS A 262 -2.59 -4.95 18.88
C CYS A 262 -3.05 -4.99 17.42
N ILE A 263 -2.39 -5.82 16.62
CA ILE A 263 -2.75 -5.97 15.21
C ILE A 263 -2.47 -7.39 14.73
N ASN A 272 -7.57 -4.23 23.03
CA ASN A 272 -8.92 -4.76 23.14
C ASN A 272 -9.79 -3.95 24.11
N GLY A 273 -9.18 -3.48 25.19
CA GLY A 273 -9.90 -2.70 26.19
C GLY A 273 -10.03 -1.24 25.81
N THR A 274 -10.29 -0.40 26.80
CA THR A 274 -10.44 1.04 26.56
C THR A 274 -9.10 1.75 26.64
N ILE A 275 -8.69 2.35 25.53
CA ILE A 275 -7.42 3.07 25.47
C ILE A 275 -7.55 4.44 26.11
N THR A 276 -6.79 4.67 27.18
CA THR A 276 -6.82 5.95 27.87
C THR A 276 -5.56 6.76 27.58
N LEU A 277 -5.72 7.82 26.77
CA LEU A 277 -4.61 8.67 26.40
C LEU A 277 -4.41 9.80 27.40
N PRO A 278 -3.16 9.99 27.84
CA PRO A 278 -2.82 11.09 28.76
C PRO A 278 -2.75 12.41 28.01
N CYS A 279 -3.56 13.38 28.43
CA CYS A 279 -3.59 14.68 27.78
C CYS A 279 -3.31 15.81 28.77
N LYS A 280 -3.04 16.99 28.25
CA LYS A 280 -2.84 18.18 29.08
C LYS A 280 -3.21 19.43 28.30
N ILE A 281 -3.94 20.33 28.97
CA ILE A 281 -4.32 21.60 28.36
C ILE A 281 -3.16 22.58 28.43
N LYS A 282 -2.74 23.06 27.26
CA LYS A 282 -1.63 24.02 27.21
C LYS A 282 -2.12 25.44 26.98
N GLN A 283 -1.52 26.38 27.69
CA GLN A 283 -1.83 27.80 27.52
C GLN A 283 -0.87 28.43 26.53
N ILE A 284 0.39 28.02 26.59
CA ILE A 284 1.39 28.47 25.63
C ILE A 284 1.42 27.52 24.44
N ILE A 285 1.36 28.08 23.24
CA ILE A 285 1.22 27.27 22.04
C ILE A 285 1.90 27.89 20.82
N ASN A 286 2.25 27.04 19.86
CA ASN A 286 2.74 27.49 18.57
C ASN A 286 1.58 27.66 17.60
N MET A 287 1.18 28.90 17.38
CA MET A 287 0.02 29.20 16.55
C MET A 287 0.06 28.45 15.22
N TRP A 288 -1.03 27.76 14.90
CA TRP A 288 -1.13 27.00 13.66
C TRP A 288 -1.03 27.92 12.43
N GLN A 289 -1.32 29.20 12.64
CA GLN A 289 -1.18 30.19 11.57
C GLN A 289 0.28 30.30 11.15
N GLY A 290 1.17 29.69 11.94
CA GLY A 290 2.59 29.73 11.67
C GLY A 290 3.15 31.13 11.80
N THR A 291 2.76 31.84 12.85
CA THR A 291 3.19 33.21 13.06
C THR A 291 3.77 33.42 14.46
N GLY A 292 4.47 32.41 14.97
CA GLY A 292 5.11 32.51 16.27
C GLY A 292 4.41 31.75 17.37
N GLN A 293 4.50 32.27 18.59
CA GLN A 293 3.89 31.62 19.75
C GLN A 293 2.86 32.54 20.41
N ALA A 294 1.99 31.96 21.21
CA ALA A 294 0.96 32.72 21.90
C ALA A 294 0.56 32.07 23.22
N MET A 295 0.18 32.90 24.19
CA MET A 295 -0.26 32.40 25.49
C MET A 295 -1.73 32.73 25.75
N TYR A 296 -2.48 31.72 26.18
CA TYR A 296 -3.90 31.91 26.49
C TYR A 296 -4.14 31.78 27.98
N ALA A 297 -5.36 32.13 28.41
CA ALA A 297 -5.71 32.08 29.83
C ALA A 297 -5.85 30.65 30.32
N PRO A 298 -5.77 30.46 31.65
CA PRO A 298 -5.90 29.13 32.28
C PRO A 298 -7.26 28.50 31.99
N PRO A 299 -7.34 27.17 32.08
CA PRO A 299 -8.57 26.43 31.82
C PRO A 299 -9.71 26.88 32.71
N ILE A 300 -10.94 26.82 32.19
CA ILE A 300 -12.12 27.15 32.97
C ILE A 300 -12.40 26.07 33.99
N ASP A 301 -13.30 26.36 34.93
CA ASP A 301 -13.65 25.39 35.98
C ASP A 301 -14.76 24.44 35.53
N GLY A 302 -14.77 23.25 36.09
CA GLY A 302 -15.78 22.26 35.77
C GLY A 302 -15.32 21.23 34.76
N LYS A 303 -16.20 20.29 34.45
CA LYS A 303 -15.89 19.24 33.48
C LYS A 303 -15.78 19.81 32.07
N ILE A 304 -14.63 19.59 31.44
CA ILE A 304 -14.42 20.01 30.06
C ILE A 304 -14.41 18.77 29.15
N ASN A 305 -15.55 18.52 28.50
CA ASN A 305 -15.70 17.32 27.68
C ASN A 305 -15.95 17.61 26.21
N CYS A 306 -15.36 16.79 25.35
CA CYS A 306 -15.57 16.89 23.91
C CYS A 306 -15.50 15.52 23.25
N VAL A 307 -16.65 15.02 22.82
CA VAL A 307 -16.72 13.74 22.11
C VAL A 307 -16.67 13.98 20.61
N SER A 308 -15.59 13.53 19.98
CA SER A 308 -15.38 13.78 18.56
C SER A 308 -15.27 12.49 17.75
N ASN A 309 -15.60 12.57 16.48
CA ASN A 309 -15.42 11.45 15.56
C ASN A 309 -14.06 11.50 14.88
N ILE A 310 -13.29 10.43 15.00
CA ILE A 310 -12.06 10.32 14.23
C ILE A 310 -12.41 9.85 12.83
N THR A 311 -12.28 10.76 11.86
CA THR A 311 -12.68 10.46 10.49
C THR A 311 -11.49 10.32 9.55
N GLY A 312 -10.35 10.84 9.97
CA GLY A 312 -9.15 10.79 9.15
C GLY A 312 -7.87 10.80 9.97
N ILE A 313 -6.76 10.49 9.33
CA ILE A 313 -5.46 10.48 10.00
C ILE A 313 -4.40 11.12 9.11
N LEU A 314 -3.54 11.93 9.72
CA LEU A 314 -2.43 12.55 9.00
C LEU A 314 -1.13 11.82 9.30
N LEU A 315 -0.56 11.20 8.27
CA LEU A 315 0.64 10.39 8.46
C LEU A 315 1.85 10.95 7.73
N THR A 316 3.03 10.64 8.26
CA THR A 316 4.29 11.00 7.64
C THR A 316 5.16 9.75 7.51
N ARG A 317 5.62 9.46 6.28
CA ARG A 317 6.39 8.27 6.02
C ARG A 317 7.89 8.51 6.18
N ASP A 318 8.57 7.58 6.86
CA ASP A 318 10.01 7.68 7.07
C ASP A 318 10.78 7.43 5.78
N GLY A 319 11.89 8.13 5.63
CA GLY A 319 12.75 7.96 4.46
C GLY A 319 13.87 6.99 4.74
N GLY A 320 14.56 6.57 3.68
CA GLY A 320 15.69 5.66 3.81
C GLY A 320 15.28 4.23 4.10
N ALA A 321 14.15 3.81 3.53
CA ALA A 321 13.64 2.46 3.74
C ALA A 321 13.54 1.69 2.42
N ASN A 322 14.04 2.30 1.35
CA ASN A 322 13.98 1.69 0.03
C ASN A 322 14.61 0.29 -0.02
N ASN A 323 15.65 0.09 0.79
CA ASN A 323 16.36 -1.19 0.80
C ASN A 323 15.86 -2.14 1.88
N THR A 324 14.66 -1.86 2.39
CA THR A 324 14.07 -2.72 3.41
C THR A 324 12.62 -3.05 3.08
N SER A 325 12.12 -4.15 3.64
CA SER A 325 10.76 -4.60 3.38
C SER A 325 9.77 -3.88 4.28
N ASN A 326 10.25 -2.89 5.02
CA ASN A 326 9.40 -2.14 5.93
C ASN A 326 9.14 -0.70 5.48
N GLU A 327 7.96 -0.20 5.85
CA GLU A 327 7.61 1.20 5.63
C GLU A 327 7.04 1.76 6.92
N THR A 328 7.72 2.76 7.48
CA THR A 328 7.32 3.32 8.77
C THR A 328 6.48 4.57 8.63
N PHE A 329 5.31 4.57 9.26
CA PHE A 329 4.41 5.72 9.24
C PHE A 329 4.23 6.29 10.64
N ARG A 330 4.30 7.62 10.74
CA ARG A 330 4.12 8.29 12.02
C ARG A 330 3.05 9.37 11.90
N PRO A 331 2.24 9.54 12.96
CA PRO A 331 1.20 10.57 12.96
C PRO A 331 1.80 11.96 12.87
N GLY A 332 1.37 12.75 11.89
CA GLY A 332 1.92 14.08 11.68
C GLY A 332 0.87 15.17 11.65
N GLY A 333 1.20 16.27 10.99
CA GLY A 333 0.31 17.41 10.90
C GLY A 333 1.08 18.72 10.95
N GLY A 334 0.35 19.82 11.10
CA GLY A 334 0.97 21.13 11.14
C GLY A 334 0.35 22.09 10.13
N ASN A 335 0.29 21.66 8.88
CA ASN A 335 -0.33 22.46 7.84
C ASN A 335 -1.83 22.27 7.80
N ILE A 336 -2.54 23.15 8.49
CA ILE A 336 -3.99 23.05 8.62
C ILE A 336 -4.70 23.01 7.26
N LYS A 337 -4.02 23.49 6.22
CA LYS A 337 -4.57 23.45 4.88
C LYS A 337 -4.92 22.02 4.48
N ASP A 338 -4.10 21.08 4.89
CA ASP A 338 -4.37 19.67 4.62
C ASP A 338 -5.68 19.26 5.26
N ASN A 339 -5.99 19.87 6.40
CA ASN A 339 -7.26 19.62 7.09
C ASN A 339 -8.45 20.02 6.22
N TRP A 340 -8.33 21.15 5.54
CA TRP A 340 -9.40 21.63 4.67
C TRP A 340 -9.44 20.79 3.38
N ARG A 341 -8.28 20.32 2.95
CA ARG A 341 -8.20 19.48 1.76
C ARG A 341 -8.99 18.19 1.94
N SER A 342 -8.94 17.64 3.15
CA SER A 342 -9.61 16.38 3.45
C SER A 342 -11.13 16.51 3.32
N GLU A 343 -11.61 17.71 3.02
CA GLU A 343 -13.03 17.96 2.88
C GLU A 343 -13.38 18.62 1.56
N LEU A 344 -12.37 19.20 0.91
CA LEU A 344 -12.57 19.93 -0.33
C LEU A 344 -11.99 19.19 -1.54
N TYR A 345 -11.53 17.97 -1.30
CA TYR A 345 -10.84 17.20 -2.35
C TYR A 345 -11.71 16.95 -3.58
N LYS A 346 -13.02 16.88 -3.37
CA LYS A 346 -13.94 16.56 -4.46
C LYS A 346 -14.52 17.78 -5.15
N TYR A 347 -13.98 18.95 -4.85
CA TYR A 347 -14.52 20.20 -5.40
C TYR A 347 -13.50 20.96 -6.23
N LYS A 348 -13.99 21.71 -7.22
CA LYS A 348 -13.15 22.61 -8.00
C LYS A 348 -14.04 23.66 -8.67
N VAL A 349 -13.52 24.87 -8.81
CA VAL A 349 -14.28 25.96 -9.41
C VAL A 349 -13.98 26.10 -10.90
N VAL A 350 -15.03 26.31 -11.69
CA VAL A 350 -14.88 26.54 -13.12
C VAL A 350 -15.67 27.77 -13.54
N GLN A 351 -15.26 28.40 -14.64
CA GLN A 351 -15.92 29.59 -15.15
C GLN A 351 -16.85 29.25 -16.32
N ILE A 352 -18.10 29.68 -16.21
CA ILE A 352 -19.09 29.40 -17.25
C ILE A 352 -19.10 30.47 -18.33
N GLU A 353 -19.25 30.03 -19.58
CA GLU A 353 -19.30 30.96 -20.71
C GLU A 353 -20.73 31.35 -21.04
N VAL B 1 -19.08 -19.82 -30.23
CA VAL B 1 -18.09 -20.82 -29.84
C VAL B 1 -16.68 -20.25 -29.92
N TRP B 2 -15.70 -21.05 -29.54
CA TRP B 2 -14.31 -20.61 -29.53
C TRP B 2 -13.35 -21.78 -29.77
N LYS B 3 -12.06 -21.45 -29.90
CA LYS B 3 -11.04 -22.46 -30.09
C LYS B 3 -9.72 -22.00 -29.45
N ASP B 4 -8.91 -22.96 -29.03
CA ASP B 4 -7.60 -22.66 -28.46
C ASP B 4 -6.72 -21.97 -29.51
N ALA B 5 -6.01 -20.92 -29.09
CA ALA B 5 -5.17 -20.17 -30.01
C ALA B 5 -4.11 -19.36 -29.29
N ASP B 6 -3.13 -18.88 -30.05
CA ASP B 6 -2.07 -18.04 -29.52
C ASP B 6 -2.01 -16.72 -30.27
N THR B 7 -1.87 -15.62 -29.53
CA THR B 7 -1.80 -14.30 -30.14
C THR B 7 -0.91 -13.36 -29.33
N THR B 8 -0.66 -12.18 -29.89
CA THR B 8 0.17 -11.19 -29.22
C THR B 8 -0.58 -10.55 -28.06
N LEU B 9 -0.16 -10.88 -26.83
CA LEU B 9 -0.78 -10.34 -25.63
C LEU B 9 -0.18 -8.99 -25.26
N PHE B 10 -0.90 -8.23 -24.44
CA PHE B 10 -0.39 -6.97 -23.94
C PHE B 10 -0.42 -6.98 -22.41
N CYS B 11 0.33 -6.07 -21.80
CA CYS B 11 0.44 -6.04 -20.34
C CYS B 11 -0.19 -4.79 -19.72
N ALA B 12 -0.61 -4.91 -18.47
CA ALA B 12 -1.21 -3.80 -17.74
C ALA B 12 -0.68 -3.76 -16.30
N SER B 13 -0.43 -2.57 -15.80
CA SER B 13 0.08 -2.40 -14.44
C SER B 13 -0.31 -1.05 -13.85
N ASP B 14 0.14 -0.80 -12.63
CA ASP B 14 -0.13 0.46 -11.95
C ASP B 14 1.17 1.22 -11.70
N ALA B 15 2.11 1.09 -12.63
CA ALA B 15 3.43 1.71 -12.50
C ALA B 15 3.33 3.24 -12.43
N LYS B 16 4.41 3.86 -11.96
CA LYS B 16 4.47 5.31 -11.86
C LYS B 16 5.46 5.87 -12.87
N ALA B 17 5.05 6.92 -13.58
CA ALA B 17 5.85 7.48 -14.67
C ALA B 17 6.99 8.37 -14.18
N HIS B 18 7.15 8.46 -12.85
CA HIS B 18 8.21 9.27 -12.28
C HIS B 18 9.24 8.41 -11.55
N GLU B 19 8.88 7.17 -11.28
CA GLU B 19 9.76 6.24 -10.59
C GLU B 19 11.02 5.93 -11.38
N THR B 20 12.13 5.73 -10.67
CA THR B 20 13.37 5.29 -11.29
C THR B 20 13.50 3.78 -11.14
N GLU B 21 12.56 3.18 -10.41
CA GLU B 21 12.53 1.74 -10.23
C GLU B 21 12.34 1.04 -11.57
N VAL B 22 13.18 0.05 -11.85
CA VAL B 22 13.22 -0.61 -13.15
C VAL B 22 11.86 -1.14 -13.60
N HIS B 23 11.22 -1.94 -12.77
CA HIS B 23 9.94 -2.54 -13.11
C HIS B 23 8.89 -1.49 -13.45
N ASN B 24 8.89 -0.39 -12.70
CA ASN B 24 7.97 0.71 -12.97
C ASN B 24 8.26 1.36 -14.32
N VAL B 25 9.54 1.63 -14.58
CA VAL B 25 9.96 2.24 -15.83
C VAL B 25 9.55 1.38 -17.03
N TRP B 26 9.80 0.08 -16.93
CA TRP B 26 9.45 -0.85 -18.00
C TRP B 26 7.94 -0.90 -18.23
N ALA B 27 7.20 -1.10 -17.14
CA ALA B 27 5.74 -1.19 -17.21
C ALA B 27 5.13 0.11 -17.72
N THR B 28 5.82 1.23 -17.46
CA THR B 28 5.36 2.54 -17.89
C THR B 28 5.48 2.71 -19.40
N HIS B 29 6.43 2.01 -19.99
CA HIS B 29 6.70 2.14 -21.42
C HIS B 29 6.16 0.97 -22.24
N ALA B 30 5.79 -0.10 -21.57
CA ALA B 30 5.36 -1.32 -22.27
C ALA B 30 3.96 -1.77 -21.88
N CYS B 31 3.39 -1.17 -20.84
CA CYS B 31 2.07 -1.59 -20.36
C CYS B 31 1.07 -0.44 -20.36
N VAL B 32 -0.20 -0.78 -20.13
CA VAL B 32 -1.26 0.20 -20.03
C VAL B 32 -1.91 0.14 -18.66
N PRO B 33 -2.71 1.16 -18.32
CA PRO B 33 -3.41 1.21 -17.04
C PRO B 33 -4.29 -0.03 -16.84
N THR B 34 -4.43 -0.46 -15.59
CA THR B 34 -5.25 -1.62 -15.28
C THR B 34 -6.74 -1.26 -15.30
N ASP B 35 -7.59 -2.28 -15.40
CA ASP B 35 -9.03 -2.07 -15.38
C ASP B 35 -9.54 -2.11 -13.93
N PRO B 36 -10.12 -1.00 -13.47
CA PRO B 36 -10.63 -0.89 -12.10
C PRO B 36 -11.75 -1.89 -11.83
N ASN B 37 -12.61 -2.10 -12.81
CA ASN B 37 -13.71 -3.06 -12.68
C ASN B 37 -13.70 -4.10 -13.80
N PRO B 38 -12.80 -5.08 -13.71
CA PRO B 38 -12.67 -6.14 -14.71
C PRO B 38 -13.89 -7.05 -14.74
N GLN B 39 -14.32 -7.43 -15.94
CA GLN B 39 -15.48 -8.31 -16.10
C GLN B 39 -15.06 -9.77 -16.11
N GLU B 40 -15.73 -10.57 -15.28
CA GLU B 40 -15.48 -12.01 -15.24
C GLU B 40 -16.78 -12.79 -15.41
N ILE B 41 -16.96 -13.35 -16.59
CA ILE B 41 -18.17 -14.10 -16.90
C ILE B 41 -17.98 -15.59 -16.71
N HIS B 42 -18.84 -16.20 -15.89
CA HIS B 42 -18.78 -17.64 -15.65
C HIS B 42 -19.46 -18.41 -16.78
N LEU B 43 -18.74 -19.36 -17.35
CA LEU B 43 -19.28 -20.18 -18.43
C LEU B 43 -20.05 -21.38 -17.85
N GLU B 44 -21.38 -21.28 -17.90
CA GLU B 44 -22.23 -22.33 -17.32
C GLU B 44 -22.12 -23.64 -18.08
N ASN B 45 -21.96 -24.73 -17.33
CA ASN B 45 -21.90 -26.07 -17.91
C ASN B 45 -20.74 -26.24 -18.90
N VAL B 46 -19.85 -25.26 -18.94
CA VAL B 46 -18.72 -25.30 -19.86
C VAL B 46 -17.52 -26.00 -19.24
N THR B 47 -17.02 -27.03 -19.92
CA THR B 47 -15.86 -27.78 -19.46
C THR B 47 -14.75 -27.74 -20.50
N GLU B 48 -13.56 -27.30 -20.09
CA GLU B 48 -12.43 -27.20 -21.00
C GLU B 48 -11.16 -27.79 -20.41
N ASN B 49 -10.25 -28.22 -21.27
CA ASN B 49 -8.98 -28.79 -20.85
C ASN B 49 -7.86 -27.75 -20.86
N PHE B 50 -6.99 -27.81 -19.86
CA PHE B 50 -5.87 -26.89 -19.74
C PHE B 50 -4.55 -27.65 -19.78
N ASN B 51 -3.46 -26.91 -20.02
CA ASN B 51 -2.13 -27.49 -20.05
C ASN B 51 -1.06 -26.45 -19.72
N MET B 52 -0.76 -26.32 -18.43
CA MET B 52 0.21 -25.32 -17.97
C MET B 52 1.59 -25.53 -18.60
N TRP B 53 1.86 -26.76 -19.00
CA TRP B 53 3.18 -27.10 -19.55
C TRP B 53 3.26 -26.82 -21.05
N LYS B 54 2.11 -26.57 -21.66
CA LYS B 54 2.06 -26.20 -23.08
C LYS B 54 1.27 -24.90 -23.25
N ASN B 55 1.67 -23.88 -22.50
CA ASN B 55 0.96 -22.60 -22.53
C ASN B 55 1.83 -21.49 -23.08
N ASN B 56 1.46 -20.97 -24.25
CA ASN B 56 2.22 -19.92 -24.91
C ASN B 56 2.31 -18.64 -24.07
N MET B 57 1.41 -18.51 -23.10
CA MET B 57 1.43 -17.36 -22.21
C MET B 57 2.73 -17.30 -21.43
N VAL B 58 3.28 -18.46 -21.13
CA VAL B 58 4.52 -18.57 -20.36
C VAL B 58 5.68 -17.91 -21.11
N GLU B 59 5.93 -18.37 -22.33
CA GLU B 59 7.02 -17.84 -23.15
C GLU B 59 6.94 -16.32 -23.27
N GLN B 60 5.74 -15.80 -23.49
CA GLN B 60 5.55 -14.37 -23.67
C GLN B 60 5.96 -13.57 -22.43
N MET B 61 5.52 -14.01 -21.26
CA MET B 61 5.95 -13.38 -20.02
C MET B 61 7.46 -13.51 -19.88
N GLN B 62 7.96 -14.69 -20.19
CA GLN B 62 9.40 -14.95 -20.19
C GLN B 62 10.11 -13.92 -21.07
N GLU B 63 9.53 -13.66 -22.23
CA GLU B 63 10.09 -12.69 -23.17
C GLU B 63 10.11 -11.28 -22.56
N ASP B 64 9.04 -10.93 -21.85
CA ASP B 64 8.97 -9.63 -21.20
C ASP B 64 10.06 -9.47 -20.15
N VAL B 65 10.09 -10.38 -19.18
CA VAL B 65 11.07 -10.32 -18.11
C VAL B 65 12.49 -10.25 -18.65
N ILE B 66 12.79 -11.07 -19.65
CA ILE B 66 14.11 -11.05 -20.28
C ILE B 66 14.44 -9.65 -20.79
N SER B 67 13.46 -9.03 -21.46
CA SER B 67 13.63 -7.67 -21.95
C SER B 67 13.87 -6.69 -20.80
N LEU B 68 13.08 -6.84 -19.74
CA LEU B 68 13.20 -5.98 -18.58
C LEU B 68 14.60 -6.07 -17.96
N TRP B 69 15.10 -7.29 -17.84
CA TRP B 69 16.42 -7.51 -17.25
C TRP B 69 17.55 -7.08 -18.18
N ASP B 70 17.36 -7.26 -19.48
CA ASP B 70 18.37 -6.91 -20.46
C ASP B 70 18.57 -5.39 -20.55
N GLN B 71 17.57 -4.64 -20.11
CA GLN B 71 17.59 -3.19 -20.22
C GLN B 71 18.13 -2.50 -18.97
N SER B 72 17.73 -3.00 -17.80
CA SER B 72 18.03 -2.31 -16.54
C SER B 72 19.00 -3.07 -15.64
N LEU B 73 19.36 -4.29 -16.02
CA LEU B 73 20.24 -5.11 -15.20
C LEU B 73 21.51 -5.53 -15.94
N GLN B 74 22.19 -4.55 -16.54
CA GLN B 74 23.45 -4.81 -17.22
C GLN B 74 24.63 -4.70 -16.26
N PRO B 75 25.52 -5.70 -16.28
CA PRO B 75 26.69 -5.76 -15.40
C PRO B 75 27.83 -4.88 -15.88
N CYS B 76 28.95 -4.93 -15.17
CA CYS B 76 30.13 -4.16 -15.55
C CYS B 76 30.97 -4.95 -16.55
N VAL B 77 30.80 -6.27 -16.53
CA VAL B 77 31.51 -7.15 -17.44
C VAL B 77 30.63 -8.34 -17.81
N LYS B 78 30.33 -8.49 -19.10
CA LYS B 78 29.45 -9.55 -19.56
C LYS B 78 30.21 -10.61 -20.35
N LEU B 79 30.00 -11.88 -19.99
CA LEU B 79 30.66 -12.99 -20.65
C LEU B 79 29.63 -13.93 -21.27
N THR B 80 29.25 -13.66 -22.52
CA THR B 80 28.22 -14.44 -23.20
C THR B 80 28.81 -15.59 -23.99
N GLY B 81 30.01 -16.02 -23.62
CA GLY B 81 30.68 -17.13 -24.30
C GLY B 81 31.58 -16.66 -25.42
N GLY B 82 32.86 -16.48 -25.12
CA GLY B 82 33.82 -16.02 -26.10
C GLY B 82 33.95 -14.51 -26.12
N SER B 83 32.83 -13.84 -26.42
CA SER B 83 32.80 -12.38 -26.45
C SER B 83 32.74 -11.80 -25.03
N VAL B 84 33.56 -10.79 -24.79
CA VAL B 84 33.61 -10.15 -23.47
C VAL B 84 33.39 -8.64 -23.58
N ILE B 85 32.35 -8.16 -22.91
CA ILE B 85 32.03 -6.73 -22.95
C ILE B 85 32.16 -6.10 -21.58
N LYS B 86 32.59 -4.84 -21.54
CA LYS B 86 32.74 -4.10 -20.30
C LYS B 86 32.01 -2.77 -20.36
N GLN B 87 30.89 -2.68 -19.65
CA GLN B 87 30.07 -1.47 -19.67
C GLN B 87 29.98 -0.84 -18.29
N ALA B 88 28.98 0.01 -18.10
CA ALA B 88 28.75 0.66 -16.80
C ALA B 88 27.99 -0.25 -15.86
N CYS B 89 28.31 -0.18 -14.58
CA CYS B 89 27.68 -1.03 -13.58
C CYS B 89 27.05 -0.20 -12.46
N PRO B 90 26.14 0.71 -12.82
CA PRO B 90 25.49 1.59 -11.85
C PRO B 90 24.41 0.85 -11.05
N LYS B 91 24.38 1.09 -9.74
CA LYS B 91 23.36 0.49 -8.89
C LYS B 91 21.97 0.94 -9.32
N ILE B 92 20.97 0.09 -9.08
CA ILE B 92 19.62 0.38 -9.52
C ILE B 92 18.59 0.11 -8.42
N SER B 93 17.39 0.68 -8.61
CA SER B 93 16.28 0.43 -7.69
C SER B 93 15.47 -0.76 -8.19
N PHE B 94 15.50 -1.85 -7.44
CA PHE B 94 14.90 -3.10 -7.89
C PHE B 94 13.83 -3.62 -6.93
N ASP B 95 12.60 -3.72 -7.44
CA ASP B 95 11.49 -4.29 -6.68
C ASP B 95 10.33 -4.59 -7.60
N PRO B 96 10.17 -5.88 -7.95
CA PRO B 96 9.15 -6.35 -8.91
C PRO B 96 7.74 -5.87 -8.53
N ILE B 97 7.00 -5.38 -9.52
CA ILE B 97 5.62 -4.99 -9.32
C ILE B 97 4.68 -5.90 -10.10
N PRO B 98 3.42 -6.00 -9.65
CA PRO B 98 2.42 -6.86 -10.29
C PRO B 98 2.22 -6.52 -11.77
N ILE B 99 2.18 -7.52 -12.62
CA ILE B 99 1.94 -7.32 -14.04
C ILE B 99 0.75 -8.15 -14.51
N HIS B 100 -0.21 -7.49 -15.16
CA HIS B 100 -1.39 -8.18 -15.69
C HIS B 100 -1.21 -8.47 -17.18
N TYR B 101 -1.49 -9.71 -17.57
CA TYR B 101 -1.44 -10.07 -18.98
C TYR B 101 -2.84 -10.22 -19.55
N CYS B 102 -3.11 -9.51 -20.64
CA CYS B 102 -4.46 -9.43 -21.20
C CYS B 102 -4.48 -9.81 -22.68
N THR B 103 -5.65 -10.21 -23.17
CA THR B 103 -5.83 -10.57 -24.56
C THR B 103 -6.47 -9.43 -25.34
N PRO B 104 -6.09 -9.28 -26.61
CA PRO B 104 -6.64 -8.25 -27.50
C PRO B 104 -8.03 -8.60 -28.00
N ALA B 105 -8.60 -7.76 -28.85
CA ALA B 105 -9.93 -7.99 -29.38
C ALA B 105 -9.99 -9.29 -30.18
N GLY B 106 -11.11 -10.01 -30.05
CA GLY B 106 -11.29 -11.26 -30.75
C GLY B 106 -10.77 -12.44 -29.96
N TYR B 107 -10.07 -12.16 -28.86
CA TYR B 107 -9.53 -13.20 -28.01
C TYR B 107 -9.95 -13.00 -26.56
N VAL B 108 -9.99 -14.09 -25.80
CA VAL B 108 -10.35 -14.04 -24.38
C VAL B 108 -9.56 -15.07 -23.60
N ILE B 109 -9.36 -14.80 -22.31
CA ILE B 109 -8.61 -15.71 -21.45
C ILE B 109 -9.56 -16.55 -20.59
N LEU B 110 -9.58 -17.85 -20.85
CA LEU B 110 -10.37 -18.77 -20.03
C LEU B 110 -9.63 -19.09 -18.75
N LYS B 111 -10.34 -19.06 -17.63
CA LYS B 111 -9.72 -19.28 -16.33
C LYS B 111 -10.32 -20.47 -15.61
N CYS B 112 -9.47 -21.42 -15.24
CA CYS B 112 -9.90 -22.59 -14.48
C CYS B 112 -10.02 -22.25 -13.00
N ASN B 113 -11.19 -22.46 -12.44
CA ASN B 113 -11.45 -22.10 -11.04
C ASN B 113 -11.60 -23.31 -10.12
N ASP B 114 -11.21 -24.49 -10.61
CA ASP B 114 -11.23 -25.69 -9.79
C ASP B 114 -10.28 -25.56 -8.62
N LYS B 115 -10.83 -25.47 -7.41
CA LYS B 115 -10.03 -25.30 -6.20
C LYS B 115 -8.78 -26.19 -6.18
N ASN B 116 -8.94 -27.44 -6.60
CA ASN B 116 -7.83 -28.38 -6.63
C ASN B 116 -7.37 -28.72 -8.05
N PHE B 117 -7.21 -27.69 -8.87
CA PHE B 117 -6.73 -27.87 -10.24
C PHE B 117 -5.20 -27.99 -10.26
N ASN B 118 -4.70 -29.08 -10.82
CA ASN B 118 -3.27 -29.35 -10.82
C ASN B 118 -2.52 -28.72 -12.00
N GLY B 119 -3.27 -28.26 -12.99
CA GLY B 119 -2.67 -27.59 -14.14
C GLY B 119 -2.86 -28.34 -15.45
N THR B 120 -2.92 -29.67 -15.36
CA THR B 120 -3.09 -30.50 -16.55
C THR B 120 -4.39 -31.30 -16.48
N GLY B 121 -5.20 -31.21 -17.53
CA GLY B 121 -6.45 -31.93 -17.59
C GLY B 121 -7.65 -31.02 -17.76
N PRO B 122 -8.86 -31.59 -17.62
CA PRO B 122 -10.12 -30.85 -17.78
C PRO B 122 -10.44 -29.97 -16.57
N CYS B 123 -11.28 -28.95 -16.79
CA CYS B 123 -11.68 -28.06 -15.72
C CYS B 123 -13.19 -27.83 -15.76
N LYS B 124 -13.85 -28.00 -14.61
CA LYS B 124 -15.30 -27.90 -14.55
C LYS B 124 -15.78 -26.46 -14.40
N ASN B 125 -15.17 -25.73 -13.47
CA ASN B 125 -15.57 -24.35 -13.19
C ASN B 125 -14.75 -23.35 -14.00
N VAL B 126 -15.24 -23.00 -15.19
CA VAL B 126 -14.51 -22.11 -16.07
C VAL B 126 -15.17 -20.73 -16.18
N SER B 127 -14.35 -19.70 -16.33
CA SER B 127 -14.85 -18.34 -16.49
C SER B 127 -14.04 -17.59 -17.55
N SER B 128 -14.58 -16.46 -18.01
CA SER B 128 -13.90 -15.66 -19.03
C SER B 128 -13.44 -14.33 -18.47
N VAL B 129 -12.18 -14.00 -18.73
CA VAL B 129 -11.61 -12.74 -18.26
C VAL B 129 -10.70 -12.12 -19.32
N GLN B 130 -10.58 -10.80 -19.29
CA GLN B 130 -9.73 -10.09 -20.23
C GLN B 130 -8.27 -10.16 -19.83
N CYS B 131 -8.01 -10.05 -18.53
CA CYS B 131 -6.65 -10.03 -18.02
C CYS B 131 -6.46 -11.01 -16.87
N THR B 132 -5.24 -11.48 -16.68
CA THR B 132 -4.91 -12.35 -15.56
C THR B 132 -4.75 -11.49 -14.31
N HIS B 133 -4.48 -12.14 -13.18
CA HIS B 133 -4.24 -11.41 -11.94
C HIS B 133 -2.85 -10.78 -11.98
N GLY B 134 -2.58 -9.91 -11.00
CA GLY B 134 -1.29 -9.26 -10.91
C GLY B 134 -0.18 -10.25 -10.59
N ILE B 135 0.76 -10.38 -11.51
CA ILE B 135 1.87 -11.32 -11.34
C ILE B 135 3.21 -10.61 -11.27
N LYS B 136 3.89 -10.73 -10.13
CA LYS B 136 5.21 -10.15 -9.97
C LYS B 136 6.27 -11.05 -10.59
N PRO B 137 7.05 -10.49 -11.53
CA PRO B 137 8.10 -11.26 -12.23
C PRO B 137 9.27 -11.58 -11.31
N VAL B 138 9.00 -12.32 -10.24
CA VAL B 138 10.03 -12.67 -9.27
C VAL B 138 10.91 -13.80 -9.80
N VAL B 139 12.18 -13.49 -10.01
CA VAL B 139 13.15 -14.48 -10.50
C VAL B 139 13.90 -15.11 -9.34
N SER B 140 13.80 -16.43 -9.23
CA SER B 140 14.49 -17.16 -8.16
C SER B 140 14.62 -18.64 -8.49
N THR B 141 15.30 -19.38 -7.61
CA THR B 141 15.47 -20.81 -7.78
C THR B 141 15.03 -21.57 -6.54
N GLN B 142 14.63 -22.83 -6.71
CA GLN B 142 14.19 -23.66 -5.61
C GLN B 142 12.88 -23.16 -4.99
N LEU B 143 12.95 -22.01 -4.32
CA LEU B 143 11.78 -21.46 -3.64
C LEU B 143 11.08 -20.38 -4.46
N LEU B 144 9.74 -20.41 -4.45
CA LEU B 144 8.95 -19.38 -5.11
C LEU B 144 8.55 -18.31 -4.11
N LEU B 145 8.78 -17.05 -4.48
CA LEU B 145 8.56 -15.95 -3.55
C LEU B 145 7.47 -14.98 -4.01
N ASN B 146 6.77 -14.39 -3.04
CA ASN B 146 5.72 -13.41 -3.30
C ASN B 146 4.75 -13.84 -4.39
N GLY B 147 4.45 -15.13 -4.45
CA GLY B 147 3.53 -15.66 -5.44
C GLY B 147 2.13 -15.82 -4.90
N SER B 148 1.33 -16.66 -5.58
CA SER B 148 -0.03 -16.95 -5.14
C SER B 148 -0.08 -18.29 -4.43
N LEU B 149 -1.05 -18.43 -3.51
CA LEU B 149 -1.19 -19.65 -2.74
C LEU B 149 -2.37 -20.50 -3.24
N ALA B 150 -2.28 -21.80 -3.02
CA ALA B 150 -3.39 -22.70 -3.33
C ALA B 150 -4.55 -22.42 -2.38
N GLU B 151 -5.76 -22.43 -2.91
CA GLU B 151 -6.94 -22.03 -2.14
C GLU B 151 -7.43 -23.10 -1.18
N GLU B 152 -6.97 -24.34 -1.39
CA GLU B 152 -7.34 -25.44 -0.49
C GLU B 152 -6.15 -26.29 -0.08
N GLU B 153 -6.02 -27.46 -0.70
CA GLU B 153 -4.93 -28.38 -0.37
C GLU B 153 -3.68 -28.09 -1.20
N ILE B 154 -2.53 -28.43 -0.66
CA ILE B 154 -1.26 -28.27 -1.37
C ILE B 154 -1.29 -29.07 -2.67
N ILE B 155 -0.98 -28.41 -3.78
CA ILE B 155 -1.04 -29.05 -5.08
C ILE B 155 0.33 -29.43 -5.61
N ILE B 156 0.43 -30.64 -6.17
CA ILE B 156 1.66 -31.09 -6.80
C ILE B 156 1.54 -31.01 -8.31
N ARG B 157 2.31 -30.11 -8.92
CA ARG B 157 2.22 -29.88 -10.36
C ARG B 157 3.41 -30.46 -11.11
N SER B 158 3.13 -31.13 -12.22
CA SER B 158 4.17 -31.72 -13.06
C SER B 158 3.58 -32.26 -14.36
N GLU B 159 4.37 -32.21 -15.43
CA GLU B 159 3.93 -32.67 -16.74
C GLU B 159 3.80 -34.20 -16.75
N ASN B 160 4.51 -34.85 -15.84
CA ASN B 160 4.48 -36.31 -15.73
C ASN B 160 5.22 -36.77 -14.48
N LEU B 161 4.50 -36.87 -13.36
CA LEU B 161 5.11 -37.27 -12.09
C LEU B 161 5.98 -38.50 -12.22
N THR B 162 5.58 -39.43 -13.09
CA THR B 162 6.33 -40.66 -13.29
C THR B 162 7.63 -40.38 -14.06
N ASN B 163 7.70 -39.22 -14.70
CA ASN B 163 8.89 -38.82 -15.44
C ASN B 163 9.82 -37.97 -14.57
N ASN B 164 10.86 -38.61 -14.03
CA ASN B 164 11.78 -37.93 -13.13
C ASN B 164 12.54 -36.78 -13.76
N ALA B 165 12.53 -36.71 -15.08
CA ALA B 165 13.23 -35.65 -15.81
C ALA B 165 12.46 -34.34 -15.76
N LYS B 166 11.18 -34.41 -15.39
CA LYS B 166 10.33 -33.23 -15.33
C LYS B 166 10.35 -32.59 -13.94
N THR B 167 10.52 -31.27 -13.90
CA THR B 167 10.55 -30.55 -12.64
C THR B 167 9.17 -30.54 -11.98
N ILE B 168 9.16 -30.57 -10.65
CA ILE B 168 7.91 -30.60 -9.90
C ILE B 168 7.65 -29.26 -9.22
N ILE B 169 6.47 -28.69 -9.47
CA ILE B 169 6.09 -27.42 -8.87
C ILE B 169 5.14 -27.62 -7.70
N VAL B 170 5.64 -27.39 -6.49
CA VAL B 170 4.83 -27.50 -5.29
C VAL B 170 4.11 -26.19 -5.00
N HIS B 171 2.79 -26.24 -4.91
CA HIS B 171 1.99 -25.05 -4.67
C HIS B 171 1.47 -25.05 -3.23
N LEU B 172 2.14 -24.30 -2.36
CA LEU B 172 1.76 -24.23 -0.95
C LEU B 172 0.41 -23.55 -0.78
N ASN B 173 -0.31 -23.93 0.28
CA ASN B 173 -1.60 -23.32 0.58
C ASN B 173 -1.52 -22.36 1.76
N LYS B 174 -0.31 -22.16 2.26
CA LYS B 174 -0.07 -21.21 3.34
C LYS B 174 1.37 -20.70 3.30
N SER B 175 1.52 -19.38 3.21
CA SER B 175 2.84 -18.78 3.05
C SER B 175 3.75 -19.00 4.26
N VAL B 176 5.05 -19.05 3.99
CA VAL B 176 6.05 -19.15 5.05
C VAL B 176 7.11 -18.07 4.85
N GLU B 177 7.09 -17.07 5.72
CA GLU B 177 8.02 -15.94 5.59
C GLU B 177 9.48 -16.37 5.60
N ILE B 178 10.26 -15.78 4.70
CA ILE B 178 11.70 -15.95 4.71
C ILE B 178 12.36 -14.58 4.84
N ASN B 179 13.01 -14.35 5.97
CA ASN B 179 13.56 -13.04 6.29
C ASN B 179 15.07 -12.97 6.04
N CYS B 180 15.45 -12.49 4.87
CA CYS B 180 16.86 -12.40 4.48
C CYS B 180 17.40 -10.99 4.71
N THR B 181 18.60 -10.91 5.28
CA THR B 181 19.18 -9.62 5.63
C THR B 181 20.69 -9.58 5.44
N ARG B 182 21.19 -8.43 5.00
CA ARG B 182 22.62 -8.17 4.94
C ARG B 182 22.91 -6.97 5.83
N PRO B 183 23.21 -7.23 7.12
CA PRO B 183 23.35 -6.18 8.14
C PRO B 183 24.41 -5.15 7.79
N SER B 184 24.19 -3.90 8.21
CA SER B 184 25.13 -2.83 7.97
C SER B 184 26.31 -2.93 8.95
N ASN B 185 27.52 -3.07 8.40
CA ASN B 185 28.71 -3.20 9.21
C ASN B 185 28.58 -4.29 10.27
N GLY B 192 33.24 -6.82 9.24
CA GLY B 192 32.82 -8.15 8.80
C GLY B 192 32.96 -8.34 7.31
N ASP B 193 32.13 -9.22 6.75
CA ASP B 193 32.16 -9.49 5.32
C ASP B 193 30.97 -8.85 4.61
N ILE B 194 31.27 -7.91 3.70
CA ILE B 194 30.23 -7.17 3.00
C ILE B 194 29.29 -8.07 2.20
N ARG B 195 29.80 -9.23 1.77
CA ARG B 195 29.01 -10.15 0.96
C ARG B 195 28.30 -11.19 1.81
N LYS B 196 28.59 -11.20 3.10
CA LYS B 196 27.99 -12.17 4.01
C LYS B 196 26.58 -11.75 4.43
N ALA B 197 25.61 -12.62 4.20
CA ALA B 197 24.23 -12.37 4.59
C ALA B 197 23.60 -13.63 5.17
N TYR B 198 22.32 -13.54 5.51
CA TYR B 198 21.62 -14.68 6.10
C TYR B 198 20.10 -14.56 5.94
N CYS B 199 19.41 -15.69 6.07
CA CYS B 199 17.96 -15.71 5.98
C CYS B 199 17.36 -16.43 7.20
N GLU B 200 16.34 -15.82 7.80
CA GLU B 200 15.69 -16.41 8.95
C GLU B 200 14.29 -16.92 8.60
N ILE B 201 14.02 -18.16 9.01
CA ILE B 201 12.71 -18.77 8.78
C ILE B 201 12.21 -19.44 10.05
N ASN B 202 10.93 -19.26 10.34
CA ASN B 202 10.33 -19.87 11.52
C ASN B 202 10.22 -21.38 11.36
N GLY B 203 11.13 -22.10 12.02
CA GLY B 203 11.19 -23.54 11.92
C GLY B 203 9.88 -24.24 12.21
N THR B 204 9.08 -23.65 13.10
CA THR B 204 7.79 -24.22 13.46
C THR B 204 6.83 -24.22 12.29
N LYS B 205 6.80 -23.10 11.56
CA LYS B 205 5.90 -22.95 10.41
C LYS B 205 6.40 -23.76 9.21
N TRP B 206 7.72 -23.74 9.00
CA TRP B 206 8.31 -24.43 7.86
C TRP B 206 8.20 -25.96 8.00
N ASN B 207 8.84 -26.50 9.03
CA ASN B 207 8.84 -27.95 9.25
C ASN B 207 7.44 -28.56 9.20
N LYS B 208 6.43 -27.76 9.57
CA LYS B 208 5.05 -28.21 9.52
C LYS B 208 4.58 -28.33 8.07
N VAL B 209 4.79 -27.27 7.31
CA VAL B 209 4.38 -27.24 5.91
C VAL B 209 5.15 -28.29 5.09
N LEU B 210 6.46 -28.37 5.33
CA LEU B 210 7.30 -29.30 4.60
C LEU B 210 6.84 -30.75 4.82
N LYS B 211 6.43 -31.05 6.05
CA LYS B 211 5.90 -32.36 6.37
C LYS B 211 4.58 -32.58 5.63
N GLN B 212 3.75 -31.55 5.61
CA GLN B 212 2.49 -31.59 4.90
C GLN B 212 2.74 -31.83 3.41
N VAL B 213 3.85 -31.30 2.91
CA VAL B 213 4.27 -31.52 1.53
C VAL B 213 4.71 -32.96 1.36
N THR B 214 5.42 -33.48 2.36
CA THR B 214 5.87 -34.87 2.34
C THR B 214 4.69 -35.83 2.22
N GLU B 215 3.57 -35.46 2.82
CA GLU B 215 2.38 -36.29 2.81
C GLU B 215 1.69 -36.27 1.45
N LYS B 216 1.77 -35.13 0.77
CA LYS B 216 1.18 -35.01 -0.56
C LYS B 216 1.96 -35.81 -1.59
N LEU B 217 3.26 -35.95 -1.37
CA LEU B 217 4.10 -36.73 -2.27
C LEU B 217 3.84 -38.23 -2.10
N LYS B 218 3.73 -38.67 -0.85
CA LYS B 218 3.34 -40.05 -0.57
C LYS B 218 1.94 -40.31 -1.10
N GLU B 219 1.17 -39.23 -1.25
CA GLU B 219 -0.19 -39.33 -1.76
C GLU B 219 -0.19 -39.51 -3.27
N HIS B 220 0.99 -39.49 -3.86
CA HIS B 220 1.14 -39.69 -5.29
C HIS B 220 2.17 -40.77 -5.62
N PHE B 221 2.74 -41.37 -4.58
CA PHE B 221 3.78 -42.38 -4.77
C PHE B 221 3.61 -43.59 -3.85
N ASN B 222 2.38 -44.10 -3.78
CA ASN B 222 2.07 -45.33 -3.05
C ASN B 222 2.68 -45.38 -1.65
N ASN B 223 2.43 -44.35 -0.85
CA ASN B 223 2.88 -44.33 0.54
C ASN B 223 4.37 -44.58 0.71
N LYS B 224 5.12 -44.49 -0.39
CA LYS B 224 6.56 -44.71 -0.36
C LYS B 224 7.29 -43.63 0.43
N THR B 225 8.35 -44.02 1.13
CA THR B 225 9.14 -43.09 1.93
C THR B 225 9.63 -41.92 1.10
N ILE B 226 9.60 -40.72 1.67
CA ILE B 226 10.00 -39.50 0.98
C ILE B 226 11.18 -38.83 1.67
N ILE B 227 12.35 -38.88 1.03
CA ILE B 227 13.55 -38.27 1.59
C ILE B 227 13.88 -36.95 0.92
N PHE B 228 14.22 -35.95 1.74
CA PHE B 228 14.60 -34.64 1.22
C PHE B 228 16.11 -34.40 1.34
N GLN B 229 16.82 -34.57 0.24
CA GLN B 229 18.25 -34.30 0.21
C GLN B 229 18.56 -33.06 -0.62
N PRO B 230 19.71 -32.43 -0.37
CA PRO B 230 20.15 -31.24 -1.12
C PRO B 230 20.57 -31.61 -2.54
N PRO B 231 20.58 -30.63 -3.44
CA PRO B 231 20.94 -30.84 -4.85
C PRO B 231 22.24 -31.62 -5.00
N SER B 232 22.22 -32.66 -5.83
CA SER B 232 23.39 -33.50 -6.04
C SER B 232 24.57 -32.70 -6.59
N GLY B 233 24.36 -32.05 -7.73
CA GLY B 233 25.41 -31.26 -8.35
C GLY B 233 24.85 -30.21 -9.30
N GLY B 234 25.74 -29.38 -9.84
CA GLY B 234 25.34 -28.34 -10.76
C GLY B 234 25.89 -26.97 -10.38
N ASP B 235 25.38 -25.93 -11.02
CA ASP B 235 25.82 -24.56 -10.74
C ASP B 235 25.17 -24.02 -9.49
N LEU B 236 25.81 -23.02 -8.88
CA LEU B 236 25.32 -22.44 -7.63
C LEU B 236 23.87 -21.96 -7.74
N GLU B 237 23.51 -21.43 -8.91
CA GLU B 237 22.17 -20.91 -9.14
C GLU B 237 21.11 -21.99 -8.92
N ILE B 238 21.45 -23.23 -9.22
CA ILE B 238 20.50 -24.33 -9.12
C ILE B 238 20.71 -25.14 -7.84
N THR B 239 21.91 -25.08 -7.29
CA THR B 239 22.23 -25.81 -6.07
C THR B 239 21.84 -25.02 -4.83
N MET B 240 21.79 -23.70 -4.95
CA MET B 240 21.44 -22.84 -3.83
C MET B 240 20.20 -22.01 -4.16
N HIS B 241 19.52 -21.53 -3.12
CA HIS B 241 18.38 -20.65 -3.30
C HIS B 241 18.85 -19.29 -3.78
N SER B 242 18.70 -19.03 -5.07
CA SER B 242 19.14 -17.77 -5.66
C SER B 242 17.99 -16.80 -5.88
N PHE B 243 18.24 -15.52 -5.71
CA PHE B 243 17.23 -14.48 -5.91
C PHE B 243 17.88 -13.10 -5.85
N ASN B 244 17.16 -12.10 -6.33
CA ASN B 244 17.67 -10.73 -6.34
C ASN B 244 17.00 -9.85 -5.30
N CYS B 245 17.80 -9.28 -4.40
CA CYS B 245 17.28 -8.41 -3.36
C CYS B 245 17.87 -7.02 -3.48
N ARG B 246 17.01 -6.03 -3.67
CA ARG B 246 17.43 -4.64 -3.82
C ARG B 246 18.53 -4.51 -4.87
N GLY B 247 18.43 -5.31 -5.93
CA GLY B 247 19.40 -5.27 -7.01
C GLY B 247 20.55 -6.24 -6.79
N GLU B 248 20.74 -6.65 -5.54
CA GLU B 248 21.82 -7.57 -5.18
C GLU B 248 21.40 -9.02 -5.38
N PHE B 249 22.32 -9.85 -5.85
CA PHE B 249 22.05 -11.26 -6.09
C PHE B 249 22.38 -12.12 -4.88
N PHE B 250 21.36 -12.67 -4.25
CA PHE B 250 21.52 -13.49 -3.05
C PHE B 250 21.63 -14.98 -3.38
N TYR B 251 22.63 -15.64 -2.79
CA TYR B 251 22.79 -17.07 -2.90
C TYR B 251 22.78 -17.70 -1.51
N CYS B 252 21.66 -18.35 -1.16
CA CYS B 252 21.49 -18.87 0.19
C CYS B 252 21.49 -20.39 0.24
N ASN B 253 22.32 -20.93 1.14
CA ASN B 253 22.37 -22.37 1.38
C ASN B 253 21.07 -22.85 2.01
N THR B 254 20.49 -23.90 1.44
CA THR B 254 19.20 -24.40 1.91
C THR B 254 19.28 -25.82 2.45
N THR B 255 20.49 -26.24 2.83
CA THR B 255 20.68 -27.58 3.38
C THR B 255 19.90 -27.78 4.67
N GLN B 256 19.55 -26.68 5.33
CA GLN B 256 18.82 -26.74 6.59
C GLN B 256 17.31 -26.74 6.38
N LEU B 257 16.88 -26.30 5.20
CA LEU B 257 15.46 -26.24 4.88
C LEU B 257 14.92 -27.62 4.53
N PHE B 258 15.80 -28.49 4.05
CA PHE B 258 15.41 -29.85 3.67
C PHE B 258 16.15 -30.87 4.52
N ASN B 259 15.95 -30.79 5.82
CA ASN B 259 16.64 -31.65 6.78
C ASN B 259 15.67 -32.64 7.42
N ASN B 260 15.67 -33.87 6.91
CA ASN B 260 14.76 -34.90 7.40
C ASN B 260 14.83 -35.11 8.91
N THR B 261 15.73 -34.39 9.56
CA THR B 261 15.90 -34.50 11.00
C THR B 261 14.75 -33.84 11.76
N CYS B 262 14.03 -32.95 11.09
CA CYS B 262 12.91 -32.24 11.71
C CYS B 262 11.58 -32.69 11.13
N ILE B 263 11.40 -34.00 11.00
CA ILE B 263 10.15 -34.55 10.48
C ILE B 263 9.75 -35.81 11.24
N ASN B 272 11.88 -26.89 14.86
CA ASN B 272 11.53 -25.99 15.94
C ASN B 272 12.63 -24.97 16.24
N GLY B 273 12.31 -23.70 16.10
CA GLY B 273 13.26 -22.63 16.31
C GLY B 273 13.52 -21.84 15.05
N THR B 274 14.28 -20.75 15.17
CA THR B 274 14.58 -19.91 14.03
C THR B 274 15.68 -20.51 13.15
N ILE B 275 15.29 -20.99 11.98
CA ILE B 275 16.23 -21.56 11.02
C ILE B 275 17.02 -20.46 10.34
N THR B 276 18.31 -20.38 10.62
CA THR B 276 19.17 -19.38 10.02
C THR B 276 19.95 -19.94 8.83
N LEU B 277 19.66 -19.42 7.64
CA LEU B 277 20.31 -19.87 6.42
C LEU B 277 21.47 -18.95 6.05
N PRO B 278 22.68 -19.52 5.91
CA PRO B 278 23.85 -18.75 5.47
C PRO B 278 23.72 -18.36 4.00
N CYS B 279 24.08 -17.13 3.65
CA CYS B 279 23.94 -16.66 2.28
C CYS B 279 25.11 -15.78 1.87
N LYS B 280 25.25 -15.58 0.56
CA LYS B 280 26.31 -14.72 0.03
C LYS B 280 25.80 -13.90 -1.15
N ILE B 281 26.26 -12.65 -1.23
CA ILE B 281 25.91 -11.77 -2.34
C ILE B 281 26.96 -11.88 -3.43
N LYS B 282 26.73 -12.77 -4.39
CA LYS B 282 27.69 -13.00 -5.47
C LYS B 282 27.68 -11.87 -6.50
N GLN B 283 28.86 -11.53 -6.98
CA GLN B 283 29.00 -10.51 -8.01
C GLN B 283 29.04 -11.17 -9.39
N ILE B 284 29.57 -12.39 -9.44
CA ILE B 284 29.65 -13.16 -10.68
C ILE B 284 28.49 -14.15 -10.76
N ILE B 285 27.70 -14.05 -11.82
CA ILE B 285 26.51 -14.89 -11.96
C ILE B 285 26.38 -15.49 -13.35
N ASN B 286 25.70 -16.63 -13.43
CA ASN B 286 25.35 -17.23 -14.71
C ASN B 286 23.94 -16.82 -15.12
N MET B 287 23.86 -15.89 -16.07
CA MET B 287 22.58 -15.36 -16.52
C MET B 287 21.54 -16.46 -16.79
N TRP B 288 20.36 -16.30 -16.21
CA TRP B 288 19.28 -17.25 -16.40
C TRP B 288 18.68 -17.11 -17.80
N GLN B 289 19.05 -16.05 -18.50
CA GLN B 289 18.60 -15.84 -19.87
C GLN B 289 19.09 -16.97 -20.77
N GLY B 290 20.26 -17.51 -20.44
CA GLY B 290 20.82 -18.62 -21.20
C GLY B 290 22.21 -18.34 -21.75
N THR B 291 22.56 -17.06 -21.84
CA THR B 291 23.84 -16.65 -22.38
C THR B 291 25.01 -17.26 -21.62
N GLY B 292 25.46 -16.58 -20.57
CA GLY B 292 26.58 -17.05 -19.79
C GLY B 292 26.78 -16.30 -18.49
N GLN B 293 28.05 -16.08 -18.13
CA GLN B 293 28.40 -15.42 -16.89
C GLN B 293 28.33 -13.90 -16.97
N ALA B 294 28.16 -13.26 -15.83
CA ALA B 294 28.12 -11.80 -15.75
C ALA B 294 28.55 -11.35 -14.36
N MET B 295 29.39 -10.31 -14.31
CA MET B 295 29.90 -9.81 -13.04
C MET B 295 29.44 -8.39 -12.75
N TYR B 296 28.81 -8.20 -11.59
CA TYR B 296 28.33 -6.89 -11.17
C TYR B 296 29.27 -6.29 -10.13
N ALA B 297 28.97 -5.05 -9.73
CA ALA B 297 29.79 -4.35 -8.74
C ALA B 297 29.49 -4.85 -7.34
N PRO B 298 30.39 -4.55 -6.38
CA PRO B 298 30.23 -4.94 -4.99
C PRO B 298 28.91 -4.43 -4.40
N PRO B 299 28.39 -5.13 -3.38
CA PRO B 299 27.12 -4.79 -2.72
C PRO B 299 27.10 -3.33 -2.26
N ILE B 300 25.90 -2.81 -2.00
CA ILE B 300 25.75 -1.43 -1.54
C ILE B 300 25.86 -1.33 -0.03
N ASP B 301 26.09 -0.12 0.47
CA ASP B 301 26.24 0.11 1.89
C ASP B 301 24.90 0.09 2.61
N GLY B 302 24.95 -0.05 3.94
CA GLY B 302 23.75 -0.02 4.76
C GLY B 302 23.03 -1.36 4.82
N LYS B 303 21.94 -1.39 5.57
CA LYS B 303 21.14 -2.60 5.73
C LYS B 303 20.42 -2.97 4.43
N ILE B 304 20.54 -4.23 4.04
CA ILE B 304 19.83 -4.75 2.87
C ILE B 304 18.91 -5.88 3.31
N ASN B 305 17.60 -5.67 3.19
CA ASN B 305 16.63 -6.63 3.69
C ASN B 305 15.54 -7.00 2.69
N CYS B 306 15.20 -8.28 2.63
CA CYS B 306 14.12 -8.76 1.78
C CYS B 306 13.31 -9.84 2.51
N VAL B 307 12.10 -9.48 2.92
CA VAL B 307 11.19 -10.44 3.54
C VAL B 307 10.14 -10.88 2.52
N SER B 308 10.10 -12.18 2.24
CA SER B 308 9.20 -12.69 1.22
C SER B 308 8.40 -13.89 1.72
N ASN B 309 7.27 -14.15 1.06
CA ASN B 309 6.43 -15.30 1.38
C ASN B 309 6.74 -16.48 0.47
N ILE B 310 7.27 -17.55 1.04
CA ILE B 310 7.52 -18.77 0.28
C ILE B 310 6.17 -19.40 -0.08
N THR B 311 5.81 -19.32 -1.35
CA THR B 311 4.51 -19.80 -1.81
C THR B 311 4.60 -21.06 -2.64
N GLY B 312 5.77 -21.32 -3.21
CA GLY B 312 5.97 -22.49 -4.05
C GLY B 312 7.34 -23.11 -3.87
N ILE B 313 7.47 -24.35 -4.31
CA ILE B 313 8.74 -25.07 -4.22
C ILE B 313 9.05 -25.80 -5.53
N LEU B 314 10.30 -25.69 -5.97
CA LEU B 314 10.73 -26.38 -7.18
C LEU B 314 11.51 -27.64 -6.82
N LEU B 315 10.93 -28.80 -7.11
CA LEU B 315 11.55 -30.07 -6.74
C LEU B 315 11.89 -30.90 -7.97
N THR B 316 13.06 -31.54 -7.92
CA THR B 316 13.48 -32.46 -8.97
C THR B 316 13.73 -33.84 -8.38
N ARG B 317 12.89 -34.80 -8.76
CA ARG B 317 12.99 -36.15 -8.21
C ARG B 317 14.14 -36.94 -8.83
N ASP B 318 14.76 -37.80 -8.02
CA ASP B 318 15.85 -38.64 -8.50
C ASP B 318 15.31 -39.86 -9.24
N GLY B 319 15.87 -40.14 -10.41
CA GLY B 319 15.45 -41.27 -11.21
C GLY B 319 16.14 -42.55 -10.79
N GLY B 320 15.76 -43.67 -11.42
CA GLY B 320 16.33 -44.96 -11.11
C GLY B 320 16.28 -45.31 -9.64
N ALA B 321 15.10 -45.69 -9.17
CA ALA B 321 14.91 -46.04 -7.77
C ALA B 321 13.52 -46.60 -7.51
N ASN B 322 12.73 -46.71 -8.58
CA ASN B 322 11.37 -47.22 -8.47
C ASN B 322 11.31 -48.73 -8.19
N ASN B 323 12.21 -49.20 -7.34
CA ASN B 323 12.22 -50.60 -6.93
C ASN B 323 12.14 -50.72 -5.42
N THR B 324 12.45 -49.62 -4.73
CA THR B 324 12.41 -49.56 -3.28
C THR B 324 11.18 -48.81 -2.80
N SER B 325 11.14 -48.51 -1.51
CA SER B 325 10.06 -47.73 -0.94
C SER B 325 10.53 -46.30 -0.68
N ASN B 326 11.55 -45.89 -1.43
CA ASN B 326 12.15 -44.56 -1.25
C ASN B 326 11.97 -43.66 -2.46
N GLU B 327 11.89 -42.35 -2.21
CA GLU B 327 11.79 -41.36 -3.26
C GLU B 327 12.50 -40.07 -2.83
N THR B 328 13.73 -39.91 -3.28
CA THR B 328 14.53 -38.75 -2.92
C THR B 328 14.19 -37.54 -3.79
N PHE B 329 14.00 -36.39 -3.13
CA PHE B 329 13.66 -35.16 -3.84
C PHE B 329 14.66 -34.04 -3.52
N ARG B 330 15.08 -33.32 -4.55
CA ARG B 330 16.01 -32.22 -4.39
C ARG B 330 15.33 -30.91 -4.77
N PRO B 331 15.80 -29.78 -4.20
CA PRO B 331 15.29 -28.47 -4.60
C PRO B 331 15.74 -28.14 -6.03
N GLY B 332 14.80 -28.12 -6.96
CA GLY B 332 15.11 -27.91 -8.36
C GLY B 332 15.61 -26.52 -8.69
N GLY B 333 14.94 -25.87 -9.64
CA GLY B 333 15.35 -24.55 -10.08
C GLY B 333 16.13 -24.61 -11.38
N GLY B 334 16.18 -23.48 -12.09
CA GLY B 334 16.89 -23.42 -13.36
C GLY B 334 16.07 -22.79 -14.46
N ASN B 335 15.04 -23.50 -14.89
CA ASN B 335 14.15 -23.00 -15.93
C ASN B 335 13.16 -21.97 -15.39
N ILE B 336 13.49 -20.69 -15.56
CA ILE B 336 12.68 -19.61 -15.01
C ILE B 336 11.26 -19.62 -15.57
N LYS B 337 11.06 -20.26 -16.72
CA LYS B 337 9.73 -20.35 -17.32
C LYS B 337 8.78 -21.07 -16.37
N ASP B 338 9.31 -22.03 -15.63
CA ASP B 338 8.51 -22.79 -14.67
C ASP B 338 7.91 -21.86 -13.61
N ASN B 339 8.62 -20.78 -13.30
CA ASN B 339 8.12 -19.80 -12.34
C ASN B 339 6.83 -19.15 -12.83
N TRP B 340 6.85 -18.70 -14.09
CA TRP B 340 5.66 -18.09 -14.68
C TRP B 340 4.53 -19.10 -14.77
N ARG B 341 4.90 -20.38 -14.94
CA ARG B 341 3.91 -21.44 -15.03
C ARG B 341 3.16 -21.63 -13.72
N SER B 342 3.84 -21.35 -12.61
CA SER B 342 3.25 -21.51 -11.29
C SER B 342 2.13 -20.52 -11.05
N GLU B 343 2.04 -19.49 -11.90
CA GLU B 343 1.02 -18.47 -11.78
C GLU B 343 0.05 -18.50 -12.96
N LEU B 344 0.54 -18.94 -14.11
CA LEU B 344 -0.26 -18.98 -15.33
C LEU B 344 -0.91 -20.33 -15.54
N TYR B 345 -0.77 -21.21 -14.56
CA TYR B 345 -1.26 -22.58 -14.68
C TYR B 345 -2.77 -22.67 -14.90
N LYS B 346 -3.49 -21.63 -14.50
CA LYS B 346 -4.95 -21.66 -14.54
C LYS B 346 -5.54 -20.89 -15.72
N TYR B 347 -4.68 -20.35 -16.57
CA TYR B 347 -5.14 -19.55 -17.70
C TYR B 347 -4.80 -20.17 -19.05
N LYS B 348 -5.54 -19.78 -20.09
CA LYS B 348 -5.24 -20.19 -21.46
C LYS B 348 -6.01 -19.33 -22.45
N VAL B 349 -5.36 -18.97 -23.56
CA VAL B 349 -5.95 -18.08 -24.55
C VAL B 349 -6.82 -18.83 -25.56
N VAL B 350 -8.00 -18.28 -25.84
CA VAL B 350 -8.89 -18.84 -26.84
C VAL B 350 -9.40 -17.75 -27.76
N GLN B 351 -9.55 -18.08 -29.04
CA GLN B 351 -10.02 -17.10 -30.03
C GLN B 351 -11.52 -17.21 -30.25
N ILE B 352 -12.17 -16.06 -30.38
CA ILE B 352 -13.61 -16.02 -30.64
C ILE B 352 -13.90 -15.27 -31.94
N GLU B 353 -15.17 -15.01 -32.18
CA GLU B 353 -15.59 -14.29 -33.39
C GLU B 353 -15.59 -12.78 -33.16
#